data_3B5N
#
_entry.id   3B5N
#
_cell.length_a   76.956
_cell.length_b   48.113
_cell.length_c   110.265
_cell.angle_alpha   90.00
_cell.angle_beta   97.77
_cell.angle_gamma   90.00
#
_symmetry.space_group_name_H-M   'P 1 21 1'
#
loop_
_entity.id
_entity.type
_entity.pdbx_description
1 polymer 'Synaptobrevin homolog 1'
2 polymer 'Protein SSO1'
3 polymer 'Protein transport protein SEC9'
4 polymer 'Protein transport protein SEC9'
5 water water
#
loop_
_entity_poly.entity_id
_entity_poly.type
_entity_poly.pdbx_seq_one_letter_code
_entity_poly.pdbx_strand_id
1 'polypeptide(L)' GSRTAELQAEIDDTVGIMRDNINKVAERGERLTSIEDKADNLAVSAQGFKRGANRVRKAMW A,E,I
2 'polypeptide(L)' ALAEVQARHQELLKLEKSMAELTQLFNDMEELVIEQQENVDVIDKNVEDAQLDVEQGVGHTDKAVKSAR B,F,J
3 'polypeptide(L)' GSIKFTKQSSVASTRNTLKMAQDAERAGMNTLGMLGHQSEQLNNVEGNLDLMKVQNKVADEKVAELKKLQ C,G,K
4 'polypeptide(L)' GSEMELEIDRNLDQIQQVSNRLKKMALTTGKELDSQQKRLNNIEESTDDLDINLHMNTNRLAGI D,H,L
#
# COMPACT_ATOMS: atom_id res chain seq x y z
N GLY A 1 2.17 18.17 -49.91
CA GLY A 1 2.79 16.86 -49.76
C GLY A 1 3.57 16.74 -48.47
N SER A 2 4.41 17.73 -48.19
CA SER A 2 5.23 17.70 -46.98
C SER A 2 4.38 17.87 -45.72
N ARG A 3 3.34 18.68 -45.79
CA ARG A 3 2.48 18.87 -44.63
C ARG A 3 1.80 17.55 -44.24
N THR A 4 1.33 16.81 -45.23
CA THR A 4 0.67 15.53 -44.95
C THR A 4 1.66 14.49 -44.42
N ALA A 5 2.89 14.49 -44.95
CA ALA A 5 3.93 13.58 -44.49
C ALA A 5 4.32 13.91 -43.05
N GLU A 6 4.40 15.20 -42.74
CA GLU A 6 4.69 15.63 -41.37
C GLU A 6 3.60 15.19 -40.42
N LEU A 7 2.34 15.32 -40.85
CA LEU A 7 1.20 14.92 -40.06
C LEU A 7 1.23 13.42 -39.76
N GLN A 8 1.51 12.63 -40.81
CA GLN A 8 1.66 11.19 -40.66
C GLN A 8 2.75 10.83 -39.66
N ALA A 9 3.86 11.56 -39.72
CA ALA A 9 4.97 11.29 -38.82
C ALA A 9 4.58 11.58 -37.38
N GLU A 10 3.83 12.66 -37.18
CA GLU A 10 3.40 13.00 -35.82
C GLU A 10 2.41 11.97 -35.28
N ILE A 11 1.52 11.50 -36.14
CA ILE A 11 0.52 10.52 -35.72
C ILE A 11 1.18 9.20 -35.37
N ASP A 12 2.15 8.78 -36.18
CA ASP A 12 2.92 7.59 -35.89
C ASP A 12 3.67 7.69 -34.56
N ASP A 13 4.25 8.85 -34.27
CA ASP A 13 4.91 9.05 -33.00
C ASP A 13 3.91 8.96 -31.86
N THR A 14 2.73 9.51 -32.07
CA THR A 14 1.71 9.52 -31.00
C THR A 14 1.16 8.12 -30.74
N VAL A 15 1.03 7.32 -31.80
CA VAL A 15 0.68 5.92 -31.64
C VAL A 15 1.72 5.19 -30.78
N GLY A 16 3.01 5.44 -31.02
CA GLY A 16 4.06 4.85 -30.22
C GLY A 16 3.96 5.20 -28.74
N ILE A 17 3.73 6.48 -28.45
CA ILE A 17 3.58 6.95 -27.07
C ILE A 17 2.37 6.31 -26.40
N MET A 18 1.29 6.16 -27.16
CA MET A 18 0.07 5.56 -26.63
C MET A 18 0.20 4.05 -26.41
N ARG A 19 0.96 3.38 -27.27
CA ARG A 19 1.25 1.96 -27.04
C ARG A 19 2.05 1.83 -25.75
N ASP A 20 3.00 2.75 -25.55
CA ASP A 20 3.77 2.79 -24.31
C ASP A 20 2.82 3.00 -23.12
N ASN A 21 1.87 3.92 -23.28
CA ASN A 21 0.93 4.25 -22.21
C ASN A 21 0.05 3.06 -21.84
N ILE A 22 -0.42 2.33 -22.85
CA ILE A 22 -1.21 1.13 -22.62
C ILE A 22 -0.44 0.09 -21.80
N ASN A 23 0.83 -0.10 -22.14
CA ASN A 23 1.68 -0.99 -21.36
C ASN A 23 1.81 -0.48 -19.92
N LYS A 24 1.95 0.83 -19.76
CA LYS A 24 2.06 1.41 -18.43
C LYS A 24 0.78 1.28 -17.60
N VAL A 25 -0.37 1.45 -18.23
CA VAL A 25 -1.63 1.38 -17.47
C VAL A 25 -1.93 -0.07 -17.03
N ALA A 26 -1.42 -1.04 -17.78
CA ALA A 26 -1.51 -2.43 -17.39
C ALA A 26 -0.69 -2.67 -16.12
N GLU A 27 0.52 -2.10 -16.09
CA GLU A 27 1.36 -2.18 -14.90
C GLU A 27 0.66 -1.50 -13.73
N ARG A 28 -0.05 -0.41 -14.02
CA ARG A 28 -0.79 0.32 -12.99
C ARG A 28 -1.95 -0.52 -12.46
N GLY A 29 -2.65 -1.21 -13.36
CA GLY A 29 -3.76 -2.07 -12.97
C GLY A 29 -3.32 -3.22 -12.09
N GLU A 30 -2.20 -3.84 -12.44
CA GLU A 30 -1.64 -4.94 -11.66
C GLU A 30 -1.31 -4.46 -10.26
N ARG A 31 -0.70 -3.28 -10.18
CA ARG A 31 -0.31 -2.71 -8.90
C ARG A 31 -1.53 -2.39 -8.06
N LEU A 32 -2.58 -1.87 -8.70
CA LEU A 32 -3.77 -1.47 -7.96
C LEU A 32 -4.54 -2.69 -7.42
N THR A 33 -4.55 -3.77 -8.19
CA THR A 33 -5.19 -5.00 -7.73
C THR A 33 -4.45 -5.54 -6.51
N SER A 34 -3.14 -5.41 -6.51
CA SER A 34 -2.34 -5.86 -5.38
C SER A 34 -2.59 -4.97 -4.15
N ILE A 35 -2.61 -3.66 -4.36
CA ILE A 35 -2.81 -2.72 -3.27
C ILE A 35 -4.21 -2.83 -2.68
N GLU A 36 -5.20 -3.08 -3.53
CA GLU A 36 -6.54 -3.32 -3.01
C GLU A 36 -6.56 -4.51 -2.06
N ASP A 37 -5.89 -5.59 -2.45
CA ASP A 37 -5.82 -6.78 -1.59
C ASP A 37 -5.17 -6.44 -0.25
N LYS A 38 -4.06 -5.72 -0.31
CA LYS A 38 -3.30 -5.36 0.88
C LYS A 38 -4.02 -4.33 1.77
N ALA A 39 -4.78 -3.44 1.15
CA ALA A 39 -5.57 -2.44 1.88
C ALA A 39 -6.72 -3.14 2.59
N ASP A 40 -7.26 -4.17 1.96
CA ASP A 40 -8.24 -5.04 2.60
C ASP A 40 -7.62 -5.72 3.83
N ASN A 41 -6.44 -6.31 3.64
CA ASN A 41 -5.70 -6.90 4.76
C ASN A 41 -5.52 -5.88 5.87
N LEU A 42 -5.14 -4.66 5.49
CA LEU A 42 -4.88 -3.59 6.44
C LEU A 42 -6.11 -3.24 7.28
N ALA A 43 -7.26 -3.10 6.62
CA ALA A 43 -8.51 -2.82 7.30
C ALA A 43 -8.85 -3.92 8.31
N VAL A 44 -8.71 -5.17 7.89
CA VAL A 44 -8.97 -6.31 8.77
C VAL A 44 -8.02 -6.28 9.98
N SER A 45 -6.74 -6.07 9.72
CA SER A 45 -5.75 -6.05 10.80
C SER A 45 -6.00 -4.89 11.75
N ALA A 46 -6.39 -3.75 11.20
CA ALA A 46 -6.68 -2.58 12.01
C ALA A 46 -7.85 -2.85 12.94
N GLN A 47 -8.92 -3.44 12.40
CA GLN A 47 -10.06 -3.83 13.21
C GLN A 47 -9.66 -4.83 14.30
N GLY A 48 -8.85 -5.82 13.92
CA GLY A 48 -8.38 -6.82 14.87
C GLY A 48 -7.58 -6.22 16.01
N PHE A 49 -6.78 -5.21 15.68
CA PHE A 49 -5.95 -4.51 16.67
C PHE A 49 -6.84 -3.71 17.61
N LYS A 50 -7.81 -3.00 17.04
CA LYS A 50 -8.78 -2.24 17.82
C LYS A 50 -9.45 -3.13 18.85
N ARG A 51 -9.99 -4.26 18.38
CA ARG A 51 -10.67 -5.21 19.24
C ARG A 51 -9.76 -5.79 20.32
N GLY A 52 -8.54 -6.17 19.93
CA GLY A 52 -7.59 -6.74 20.87
C GLY A 52 -7.22 -5.75 21.94
N ALA A 53 -6.99 -4.50 21.54
CA ALA A 53 -6.64 -3.43 22.47
C ALA A 53 -7.79 -3.19 23.43
N ASN A 54 -9.01 -3.21 22.91
CA ASN A 54 -10.18 -3.05 23.77
C ASN A 54 -10.25 -4.15 24.82
N ARG A 55 -9.95 -5.37 24.39
CA ARG A 55 -9.99 -6.50 25.29
C ARG A 55 -8.95 -6.37 26.39
N VAL A 56 -7.78 -5.81 26.05
CA VAL A 56 -6.77 -5.58 27.09
C VAL A 56 -7.19 -4.43 27.99
N ARG A 57 -7.81 -3.41 27.41
CA ARG A 57 -8.32 -2.28 28.20
C ARG A 57 -9.27 -2.78 29.26
N LYS A 58 -10.21 -3.63 28.87
CA LYS A 58 -11.16 -4.21 29.80
C LYS A 58 -10.44 -5.10 30.82
N ALA A 59 -9.41 -5.82 30.36
CA ALA A 59 -8.66 -6.69 31.26
C ALA A 59 -7.97 -5.88 32.36
N MET A 60 -7.23 -4.84 31.96
CA MET A 60 -6.51 -4.03 32.92
C MET A 60 -7.45 -3.32 33.89
N TRP A 61 -8.63 -2.94 33.40
CA TRP A 61 -9.63 -2.29 34.23
C TRP A 61 -10.08 -3.25 35.32
N ALA B 1 -3.98 15.39 -63.13
CA ALA B 1 -3.07 14.26 -62.97
C ALA B 1 -3.71 13.15 -62.14
N LEU B 2 -4.20 12.12 -62.82
CA LEU B 2 -4.85 11.00 -62.14
C LEU B 2 -3.87 10.27 -61.22
N ALA B 3 -2.64 10.09 -61.70
CA ALA B 3 -1.62 9.45 -60.90
C ALA B 3 -1.38 10.21 -59.60
N GLU B 4 -1.31 11.53 -59.69
CA GLU B 4 -1.03 12.37 -58.53
C GLU B 4 -2.17 12.37 -57.51
N VAL B 5 -3.41 12.45 -57.97
CA VAL B 5 -4.53 12.39 -57.04
C VAL B 5 -4.63 10.99 -56.43
N GLN B 6 -4.27 9.97 -57.21
CA GLN B 6 -4.27 8.60 -56.71
C GLN B 6 -3.19 8.42 -55.65
N ALA B 7 -2.03 9.04 -55.86
CA ALA B 7 -0.94 8.96 -54.88
C ALA B 7 -1.32 9.66 -53.59
N ARG B 8 -1.92 10.84 -53.69
CA ARG B 8 -2.33 11.55 -52.48
C ARG B 8 -3.39 10.74 -51.74
N HIS B 9 -4.33 10.17 -52.49
CA HIS B 9 -5.36 9.35 -51.86
C HIS B 9 -4.74 8.23 -51.04
N GLN B 10 -3.69 7.61 -51.58
CA GLN B 10 -2.98 6.56 -50.85
C GLN B 10 -2.37 7.09 -49.54
N GLU B 11 -1.81 8.30 -49.57
CA GLU B 11 -1.30 8.94 -48.34
C GLU B 11 -2.42 9.15 -47.33
N LEU B 12 -3.57 9.60 -47.80
CA LEU B 12 -4.70 9.91 -46.93
C LEU B 12 -5.28 8.64 -46.30
N LEU B 13 -5.30 7.56 -47.06
CA LEU B 13 -5.74 6.27 -46.54
C LEU B 13 -4.82 5.78 -45.44
N LYS B 14 -3.52 6.00 -45.63
CA LYS B 14 -2.52 5.65 -44.63
C LYS B 14 -2.76 6.45 -43.34
N LEU B 15 -3.05 7.74 -43.50
CA LEU B 15 -3.35 8.63 -42.39
C LEU B 15 -4.56 8.11 -41.62
N GLU B 16 -5.58 7.73 -42.38
CA GLU B 16 -6.84 7.26 -41.80
C GLU B 16 -6.61 5.99 -41.01
N LYS B 17 -5.84 5.07 -41.57
CA LYS B 17 -5.51 3.83 -40.89
C LYS B 17 -4.78 4.08 -39.58
N SER B 18 -3.81 4.98 -39.60
CA SER B 18 -3.04 5.31 -38.39
C SER B 18 -3.92 5.99 -37.33
N MET B 19 -4.79 6.90 -37.77
CA MET B 19 -5.71 7.55 -36.84
C MET B 19 -6.67 6.54 -36.20
N ALA B 20 -7.13 5.57 -36.98
CA ALA B 20 -8.00 4.51 -36.47
C ALA B 20 -7.31 3.73 -35.35
N GLU B 21 -6.05 3.37 -35.56
CA GLU B 21 -5.30 2.70 -34.51
C GLU B 21 -5.12 3.59 -33.28
N LEU B 22 -4.84 4.88 -33.52
CA LEU B 22 -4.60 5.81 -32.43
C LEU B 22 -5.85 6.00 -31.60
N THR B 23 -6.99 6.13 -32.28
CA THR B 23 -8.27 6.29 -31.60
C THR B 23 -8.62 5.05 -30.78
N GLN B 24 -8.31 3.88 -31.31
CA GLN B 24 -8.55 2.65 -30.56
C GLN B 24 -7.71 2.63 -29.28
N LEU B 25 -6.46 3.07 -29.37
CA LEU B 25 -5.60 3.14 -28.19
C LEU B 25 -6.13 4.10 -27.11
N PHE B 26 -6.55 5.29 -27.52
CA PHE B 26 -7.17 6.25 -26.59
C PHE B 26 -8.44 5.65 -25.96
N ASN B 27 -9.26 5.00 -26.78
CA ASN B 27 -10.47 4.35 -26.27
C ASN B 27 -10.16 3.27 -25.25
N ASP B 28 -9.20 2.41 -25.57
CA ASP B 28 -8.82 1.32 -24.68
C ASP B 28 -8.27 1.86 -23.37
N MET B 29 -7.47 2.91 -23.46
CA MET B 29 -6.89 3.55 -22.28
C MET B 29 -7.99 4.08 -21.36
N GLU B 30 -8.95 4.78 -21.92
CA GLU B 30 -10.06 5.30 -21.14
C GLU B 30 -10.79 4.17 -20.41
N GLU B 31 -11.08 3.09 -21.13
CA GLU B 31 -11.77 1.96 -20.53
C GLU B 31 -10.98 1.37 -19.36
N LEU B 32 -9.68 1.22 -19.54
CA LEU B 32 -8.85 0.63 -18.48
C LEU B 32 -8.80 1.51 -17.26
N VAL B 33 -8.75 2.83 -17.48
CA VAL B 33 -8.73 3.76 -16.36
C VAL B 33 -10.08 3.80 -15.64
N ILE B 34 -11.17 3.65 -16.38
CA ILE B 34 -12.51 3.55 -15.80
C ILE B 34 -12.58 2.31 -14.89
N GLU B 35 -12.04 1.21 -15.38
CA GLU B 35 -12.00 -0.04 -14.61
C GLU B 35 -11.18 0.13 -13.35
N GLN B 36 -10.03 0.80 -13.48
CA GLN B 36 -9.13 0.95 -12.34
C GLN B 36 -9.70 1.87 -11.27
N GLN B 37 -10.69 2.69 -11.65
CA GLN B 37 -11.38 3.55 -10.70
C GLN B 37 -11.98 2.74 -9.56
N GLU B 38 -12.46 1.55 -9.86
CA GLU B 38 -13.08 0.69 -8.85
C GLU B 38 -12.07 0.37 -7.76
N ASN B 39 -10.85 0.04 -8.17
CA ASN B 39 -9.79 -0.30 -7.22
C ASN B 39 -9.44 0.87 -6.33
N VAL B 40 -9.30 2.05 -6.94
CA VAL B 40 -8.93 3.25 -6.19
C VAL B 40 -9.98 3.60 -5.14
N ASP B 41 -11.25 3.50 -5.51
CA ASP B 41 -12.34 3.70 -4.56
C ASP B 41 -12.23 2.80 -3.33
N VAL B 42 -12.08 1.50 -3.56
CA VAL B 42 -12.01 0.54 -2.46
C VAL B 42 -10.78 0.80 -1.58
N ILE B 43 -9.65 1.07 -2.23
CA ILE B 43 -8.41 1.33 -1.50
C ILE B 43 -8.56 2.53 -0.57
N ASP B 44 -9.11 3.62 -1.10
CA ASP B 44 -9.34 4.84 -0.33
C ASP B 44 -10.25 4.54 0.87
N LYS B 45 -11.33 3.83 0.62
CA LYS B 45 -12.28 3.50 1.69
C LYS B 45 -11.63 2.61 2.76
N ASN B 46 -10.92 1.57 2.34
CA ASN B 46 -10.32 0.65 3.32
C ASN B 46 -9.25 1.31 4.16
N VAL B 47 -8.41 2.12 3.54
CA VAL B 47 -7.34 2.80 4.25
C VAL B 47 -7.89 3.82 5.25
N GLU B 48 -8.96 4.49 4.85
CA GLU B 48 -9.63 5.43 5.73
C GLU B 48 -10.24 4.70 6.92
N ASP B 49 -10.91 3.58 6.65
CA ASP B 49 -11.50 2.76 7.71
C ASP B 49 -10.42 2.26 8.64
N ALA B 50 -9.30 1.79 8.08
CA ALA B 50 -8.20 1.25 8.87
C ALA B 50 -7.64 2.30 9.83
N GLN B 51 -7.46 3.51 9.31
CA GLN B 51 -6.89 4.61 10.08
C GLN B 51 -7.75 4.90 11.30
N LEU B 52 -9.06 4.93 11.11
CA LEU B 52 -9.98 5.20 12.22
C LEU B 52 -9.98 4.11 13.30
N ASP B 53 -9.87 2.85 12.87
CA ASP B 53 -9.76 1.75 13.82
C ASP B 53 -8.43 1.79 14.56
N VAL B 54 -7.35 2.11 13.85
CA VAL B 54 -6.05 2.19 14.51
C VAL B 54 -6.08 3.28 15.58
N GLU B 55 -6.68 4.42 15.23
CA GLU B 55 -6.82 5.52 16.18
C GLU B 55 -7.60 5.06 17.41
N GLN B 56 -8.70 4.35 17.20
CA GLN B 56 -9.48 3.81 18.32
C GLN B 56 -8.63 2.84 19.12
N GLY B 57 -7.92 1.95 18.43
CA GLY B 57 -7.09 0.96 19.10
C GLY B 57 -6.02 1.58 19.99
N VAL B 58 -5.35 2.61 19.48
CA VAL B 58 -4.36 3.33 20.27
C VAL B 58 -5.02 3.95 21.50
N GLY B 59 -6.22 4.49 21.32
CA GLY B 59 -6.97 5.04 22.44
C GLY B 59 -7.19 4.01 23.53
N HIS B 60 -7.49 2.78 23.11
CA HIS B 60 -7.69 1.69 24.05
C HIS B 60 -6.40 1.33 24.77
N THR B 61 -5.29 1.30 24.04
CA THR B 61 -4.03 0.95 24.69
C THR B 61 -3.62 2.03 25.68
N ASP B 62 -4.00 3.27 25.40
CA ASP B 62 -3.72 4.38 26.32
C ASP B 62 -4.48 4.16 27.62
N LYS B 63 -5.78 3.91 27.52
CA LYS B 63 -6.57 3.68 28.72
C LYS B 63 -6.11 2.42 29.48
N ALA B 64 -5.73 1.38 28.74
CA ALA B 64 -5.22 0.16 29.36
C ALA B 64 -3.97 0.46 30.20
N VAL B 65 -3.08 1.26 29.63
CA VAL B 65 -1.85 1.63 30.33
C VAL B 65 -2.16 2.46 31.57
N LYS B 66 -3.12 3.37 31.44
CA LYS B 66 -3.52 4.22 32.54
C LYS B 66 -3.96 3.37 33.74
N SER B 67 -4.70 2.31 33.45
CA SER B 67 -5.17 1.41 34.50
C SER B 67 -4.04 0.54 35.07
N ALA B 68 -3.22 -0.03 34.18
CA ALA B 68 -2.17 -0.95 34.58
C ALA B 68 -1.13 -0.30 35.48
N ARG B 69 -0.95 1.01 35.33
CA ARG B 69 -0.01 1.74 36.19
C ARG B 69 -0.51 1.79 37.62
N GLY C 1 -13.46 11.46 -64.97
CA GLY C 1 -14.37 10.63 -64.20
C GLY C 1 -13.67 10.04 -62.99
N SER C 2 -12.54 9.38 -63.23
CA SER C 2 -11.80 8.73 -62.15
C SER C 2 -11.14 9.74 -61.21
N ILE C 3 -10.74 10.89 -61.73
CA ILE C 3 -10.14 11.92 -60.89
C ILE C 3 -11.16 12.46 -59.88
N LYS C 4 -12.37 12.74 -60.36
CA LYS C 4 -13.43 13.24 -59.52
C LYS C 4 -13.79 12.21 -58.45
N PHE C 5 -13.90 10.95 -58.86
CA PHE C 5 -14.20 9.87 -57.92
C PHE C 5 -13.12 9.73 -56.84
N THR C 6 -11.87 9.81 -57.26
CA THR C 6 -10.76 9.70 -56.33
C THR C 6 -10.74 10.86 -55.33
N LYS C 7 -10.98 12.07 -55.82
CA LYS C 7 -11.05 13.25 -54.95
C LYS C 7 -12.19 13.10 -53.95
N GLN C 8 -13.34 12.62 -54.42
CA GLN C 8 -14.48 12.38 -53.54
C GLN C 8 -14.09 11.38 -52.47
N SER C 9 -13.37 10.34 -52.87
CA SER C 9 -12.89 9.33 -51.92
C SER C 9 -11.94 9.94 -50.90
N SER C 10 -11.10 10.88 -51.35
CA SER C 10 -10.17 11.55 -50.45
C SER C 10 -10.92 12.42 -49.43
N VAL C 11 -11.95 13.10 -49.89
CA VAL C 11 -12.77 13.92 -49.01
C VAL C 11 -13.38 13.05 -47.91
N ALA C 12 -13.99 11.95 -48.32
CA ALA C 12 -14.61 11.02 -47.37
C ALA C 12 -13.58 10.48 -46.36
N SER C 13 -12.39 10.15 -46.84
CA SER C 13 -11.33 9.66 -45.95
C SER C 13 -10.94 10.70 -44.90
N THR C 14 -10.72 11.93 -45.32
CA THR C 14 -10.32 12.96 -44.36
C THR C 14 -11.45 13.28 -43.38
N ARG C 15 -12.70 13.15 -43.82
CA ARG C 15 -13.82 13.37 -42.90
C ARG C 15 -13.80 12.32 -41.79
N ASN C 16 -13.58 11.07 -42.15
CA ASN C 16 -13.51 10.01 -41.14
C ASN C 16 -12.33 10.16 -40.19
N THR C 17 -11.16 10.49 -40.74
CA THR C 17 -9.97 10.73 -39.95
C THR C 17 -10.19 11.83 -38.92
N LEU C 18 -10.84 12.92 -39.31
CA LEU C 18 -11.18 13.98 -38.38
C LEU C 18 -12.14 13.50 -37.29
N LYS C 19 -13.19 12.78 -37.69
CA LYS C 19 -14.17 12.25 -36.75
C LYS C 19 -13.48 11.37 -35.70
N MET C 20 -12.61 10.47 -36.14
CA MET C 20 -11.90 9.59 -35.21
C MET C 20 -10.96 10.38 -34.29
N ALA C 21 -10.26 11.37 -34.86
CA ALA C 21 -9.34 12.20 -34.08
C ALA C 21 -10.09 12.92 -32.96
N GLN C 22 -11.27 13.43 -33.26
CA GLN C 22 -12.10 14.08 -32.24
C GLN C 22 -12.57 13.09 -31.17
N ASP C 23 -12.89 11.86 -31.58
CA ASP C 23 -13.25 10.82 -30.62
C ASP C 23 -12.06 10.52 -29.70
N ALA C 24 -10.88 10.41 -30.29
CA ALA C 24 -9.66 10.15 -29.53
C ALA C 24 -9.43 11.25 -28.49
N GLU C 25 -9.62 12.49 -28.90
CA GLU C 25 -9.43 13.61 -27.99
C GLU C 25 -10.39 13.57 -26.81
N ARG C 26 -11.66 13.28 -27.05
CA ARG C 26 -12.63 13.15 -25.96
CA ARG C 26 -12.62 13.17 -25.96
C ARG C 26 -12.15 12.11 -24.96
N ALA C 27 -11.79 10.93 -25.48
CA ALA C 27 -11.33 9.83 -24.64
C ALA C 27 -10.10 10.23 -23.81
N GLY C 28 -9.15 10.87 -24.46
CA GLY C 28 -7.90 11.26 -23.81
C GLY C 28 -8.12 12.29 -22.72
N MET C 29 -9.02 13.24 -22.97
CA MET C 29 -9.31 14.28 -21.98
C MET C 29 -10.03 13.69 -20.78
N ASN C 30 -10.93 12.75 -21.04
CA ASN C 30 -11.60 12.05 -19.94
C ASN C 30 -10.59 11.26 -19.11
N THR C 31 -9.63 10.63 -19.80
CA THR C 31 -8.63 9.81 -19.14
C THR C 31 -7.77 10.65 -18.20
N LEU C 32 -7.33 11.81 -18.67
CA LEU C 32 -6.54 12.72 -17.83
C LEU C 32 -7.36 13.21 -16.64
N GLY C 33 -8.63 13.50 -16.87
CA GLY C 33 -9.51 13.94 -15.80
C GLY C 33 -9.59 12.88 -14.72
N MET C 34 -9.84 11.64 -15.15
CA MET C 34 -9.95 10.52 -14.22
C MET C 34 -8.64 10.26 -13.47
N LEU C 35 -7.52 10.33 -14.17
CA LEU C 35 -6.22 10.14 -13.54
C LEU C 35 -5.94 11.23 -12.50
N GLY C 36 -6.43 12.43 -12.77
CA GLY C 36 -6.31 13.53 -11.82
C GLY C 36 -7.16 13.30 -10.58
N HIS C 37 -8.39 12.83 -10.79
CA HIS C 37 -9.28 12.48 -9.68
C HIS C 37 -8.69 11.35 -8.83
N GLN C 38 -8.17 10.33 -9.50
CA GLN C 38 -7.59 9.19 -8.80
C GLN C 38 -6.30 9.59 -8.06
N SER C 39 -5.58 10.55 -8.62
CA SER C 39 -4.39 11.10 -7.96
C SER C 39 -4.79 11.75 -6.63
N GLU C 40 -5.89 12.48 -6.64
CA GLU C 40 -6.40 13.10 -5.43
C GLU C 40 -6.82 12.05 -4.39
N GLN C 41 -7.47 10.98 -4.85
CA GLN C 41 -7.84 9.89 -3.93
C GLN C 41 -6.58 9.26 -3.34
N LEU C 42 -5.58 9.02 -4.18
CA LEU C 42 -4.34 8.42 -3.70
C LEU C 42 -3.60 9.34 -2.73
N ASN C 43 -3.77 10.65 -2.89
CA ASN C 43 -3.23 11.60 -1.92
C ASN C 43 -3.87 11.41 -0.54
N ASN C 44 -5.17 11.15 -0.54
CA ASN C 44 -5.89 10.91 0.71
C ASN C 44 -5.38 9.62 1.35
N VAL C 45 -5.20 8.59 0.53
CA VAL C 45 -4.61 7.32 0.98
C VAL C 45 -3.24 7.53 1.61
N GLU C 46 -2.40 8.32 0.93
CA GLU C 46 -1.05 8.62 1.38
C GLU C 46 -1.06 9.32 2.73
N GLY C 47 -1.97 10.28 2.89
CA GLY C 47 -2.09 10.97 4.17
C GLY C 47 -2.51 10.01 5.28
N ASN C 48 -3.48 9.15 5.00
CA ASN C 48 -3.95 8.20 6.00
C ASN C 48 -2.87 7.20 6.41
N LEU C 49 -2.08 6.74 5.44
CA LEU C 49 -0.97 5.85 5.71
C LEU C 49 0.08 6.52 6.59
N ASP C 50 0.38 7.79 6.30
CA ASP C 50 1.35 8.54 7.09
C ASP C 50 0.86 8.64 8.53
N LEU C 51 -0.42 8.93 8.70
CA LEU C 51 -1.00 9.05 10.03
C LEU C 51 -0.92 7.73 10.79
N MET C 52 -1.23 6.63 10.09
CA MET C 52 -1.18 5.31 10.72
C MET C 52 0.23 4.93 11.14
N LYS C 53 1.24 5.37 10.37
CA LYS C 53 2.61 5.14 10.78
C LYS C 53 2.89 5.79 12.13
N VAL C 54 2.46 7.03 12.29
CA VAL C 54 2.64 7.75 13.54
C VAL C 54 1.91 7.03 14.67
N GLN C 55 0.67 6.62 14.41
CA GLN C 55 -0.12 5.93 15.43
C GLN C 55 0.46 4.57 15.80
N ASN C 56 1.07 3.87 14.83
CA ASN C 56 1.73 2.62 15.16
C ASN C 56 2.96 2.82 16.07
N LYS C 57 3.65 3.94 15.91
CA LYS C 57 4.78 4.27 16.80
C LYS C 57 4.28 4.42 18.24
N VAL C 58 3.20 5.16 18.41
CA VAL C 58 2.57 5.32 19.71
C VAL C 58 2.12 3.96 20.25
N ALA C 59 1.49 3.17 19.40
CA ALA C 59 1.01 1.86 19.81
C ALA C 59 2.14 0.93 20.26
N ASP C 60 3.26 0.97 19.55
CA ASP C 60 4.41 0.15 19.89
C ASP C 60 4.83 0.41 21.34
N GLU C 61 4.91 1.68 21.70
CA GLU C 61 5.41 2.07 23.02
C GLU C 61 4.42 1.78 24.14
N LYS C 62 3.13 1.94 23.85
CA LYS C 62 2.07 1.60 24.82
C LYS C 62 2.02 0.10 25.05
N VAL C 63 2.09 -0.68 23.97
CA VAL C 63 2.08 -2.14 24.09
C VAL C 63 3.33 -2.63 24.85
N ALA C 64 4.48 -2.04 24.54
CA ALA C 64 5.71 -2.39 25.22
C ALA C 64 5.58 -2.19 26.72
N GLU C 65 5.06 -1.02 27.12
CA GLU C 65 4.86 -0.73 28.53
C GLU C 65 3.86 -1.68 29.19
N LEU C 66 2.76 -1.96 28.48
CA LEU C 66 1.77 -2.90 28.98
C LEU C 66 2.39 -4.26 29.30
N LYS C 67 3.27 -4.73 28.43
CA LYS C 67 3.93 -6.01 28.67
C LYS C 67 4.81 -5.93 29.91
N LYS C 68 5.51 -4.82 30.07
CA LYS C 68 6.35 -4.59 31.24
C LYS C 68 5.53 -4.56 32.53
N LEU C 69 4.30 -4.07 32.43
CA LEU C 69 3.43 -3.95 33.59
C LEU C 69 2.68 -5.26 33.89
N GLN C 70 2.78 -6.22 32.99
CA GLN C 70 2.27 -7.57 33.24
C GLN C 70 3.39 -8.59 33.18
N GLY D 1 -14.45 23.94 -60.31
CA GLY D 1 -14.48 24.37 -58.92
C GLY D 1 -13.43 23.64 -58.10
N SER D 2 -12.98 24.28 -57.02
CA SER D 2 -11.97 23.67 -56.16
C SER D 2 -12.54 23.24 -54.82
N GLU D 3 -13.84 23.02 -54.76
CA GLU D 3 -14.51 22.71 -53.49
C GLU D 3 -13.91 21.50 -52.76
N MET D 4 -13.69 20.41 -53.48
CA MET D 4 -13.15 19.21 -52.81
C MET D 4 -11.72 19.39 -52.34
N GLU D 5 -10.90 20.04 -53.16
CA GLU D 5 -9.53 20.33 -52.79
C GLU D 5 -9.49 21.21 -51.55
N LEU D 6 -10.36 22.21 -51.52
CA LEU D 6 -10.39 23.13 -50.39
C LEU D 6 -10.83 22.40 -49.13
N GLU D 7 -11.80 21.49 -49.26
CA GLU D 7 -12.24 20.74 -48.08
C GLU D 7 -11.16 19.78 -47.59
N ILE D 8 -10.49 19.11 -48.51
CA ILE D 8 -9.36 18.26 -48.12
C ILE D 8 -8.33 19.05 -47.29
N ASP D 9 -7.98 20.24 -47.78
CA ASP D 9 -7.04 21.12 -47.07
C ASP D 9 -7.58 21.50 -45.69
N ARG D 10 -8.85 21.89 -45.63
CA ARG D 10 -9.45 22.31 -44.38
C ARG D 10 -9.58 21.17 -43.40
N ASN D 11 -9.89 19.98 -43.89
CA ASN D 11 -9.98 18.81 -43.02
C ASN D 11 -8.60 18.44 -42.47
N LEU D 12 -7.59 18.46 -43.34
CA LEU D 12 -6.21 18.24 -42.92
C LEU D 12 -5.78 19.29 -41.87
N ASP D 13 -6.19 20.56 -42.08
CA ASP D 13 -5.93 21.62 -41.09
C ASP D 13 -6.44 21.20 -39.72
N GLN D 14 -7.70 20.76 -39.67
CA GLN D 14 -8.34 20.41 -38.41
C GLN D 14 -7.70 19.15 -37.82
N ILE D 15 -7.42 18.16 -38.66
CA ILE D 15 -6.72 16.96 -38.22
C ILE D 15 -5.36 17.29 -37.61
N GLN D 16 -4.64 18.23 -38.22
CA GLN D 16 -3.35 18.66 -37.67
C GLN D 16 -3.50 19.33 -36.30
N GLN D 17 -4.54 20.13 -36.13
CA GLN D 17 -4.76 20.82 -34.85
C GLN D 17 -5.05 19.80 -33.75
N VAL D 18 -5.95 18.85 -34.04
CA VAL D 18 -6.31 17.86 -33.04
C VAL D 18 -5.12 16.95 -32.73
N SER D 19 -4.43 16.54 -33.79
CA SER D 19 -3.27 15.67 -33.65
C SER D 19 -2.23 16.27 -32.70
N ASN D 20 -2.02 17.58 -32.79
CA ASN D 20 -1.08 18.27 -31.92
C ASN D 20 -1.52 18.08 -30.47
N ARG D 21 -2.82 18.19 -30.24
CA ARG D 21 -3.33 18.05 -28.88
C ARG D 21 -3.28 16.61 -28.39
N LEU D 22 -3.48 15.66 -29.32
CA LEU D 22 -3.39 14.24 -28.98
C LEU D 22 -1.97 13.87 -28.57
N LYS D 23 -0.98 14.39 -29.28
CA LYS D 23 0.41 14.15 -28.92
C LYS D 23 0.72 14.69 -27.53
N LYS D 24 0.35 15.95 -27.28
CA LYS D 24 0.55 16.53 -25.95
C LYS D 24 -0.14 15.72 -24.84
N MET D 25 -1.36 15.25 -25.11
CA MET D 25 -2.08 14.45 -24.14
C MET D 25 -1.40 13.11 -23.85
N ALA D 26 -0.89 12.47 -24.90
CA ALA D 26 -0.21 11.19 -24.77
C ALA D 26 1.05 11.34 -23.93
N LEU D 27 1.80 12.41 -24.18
CA LEU D 27 3.01 12.70 -23.43
C LEU D 27 2.69 12.99 -21.96
N THR D 28 1.68 13.84 -21.73
CA THR D 28 1.29 14.18 -20.36
C THR D 28 0.78 12.97 -19.60
N THR D 29 0.03 12.11 -20.29
CA THR D 29 -0.54 10.91 -19.70
C THR D 29 0.58 9.95 -19.28
N GLY D 30 1.58 9.80 -20.14
CA GLY D 30 2.76 9.01 -19.83
C GLY D 30 3.49 9.49 -18.59
N LYS D 31 3.70 10.80 -18.50
CA LYS D 31 4.40 11.36 -17.34
C LYS D 31 3.60 11.11 -16.08
N GLU D 32 2.28 11.25 -16.17
CA GLU D 32 1.42 11.07 -15.00
C GLU D 32 1.41 9.62 -14.54
N LEU D 33 1.37 8.69 -15.48
CA LEU D 33 1.44 7.27 -15.15
C LEU D 33 2.78 6.93 -14.49
N ASP D 34 3.86 7.52 -15.01
CA ASP D 34 5.18 7.33 -14.42
C ASP D 34 5.18 7.76 -12.96
N SER D 35 4.66 8.96 -12.71
CA SER D 35 4.63 9.52 -11.36
C SER D 35 3.78 8.67 -10.42
N GLN D 36 2.58 8.32 -10.87
CA GLN D 36 1.69 7.51 -10.04
C GLN D 36 2.23 6.11 -9.79
N GLN D 37 2.99 5.56 -10.73
CA GLN D 37 3.52 4.21 -10.56
C GLN D 37 4.47 4.14 -9.35
N LYS D 38 5.33 5.15 -9.21
CA LYS D 38 6.24 5.21 -8.07
C LYS D 38 5.47 5.44 -6.79
N ARG D 39 4.44 6.29 -6.86
CA ARG D 39 3.55 6.50 -5.71
C ARG D 39 2.83 5.21 -5.28
N LEU D 40 2.32 4.46 -6.25
CA LEU D 40 1.66 3.19 -5.96
C LEU D 40 2.63 2.18 -5.37
N ASN D 41 3.86 2.13 -5.88
CA ASN D 41 4.86 1.23 -5.33
C ASN D 41 5.09 1.50 -3.84
N ASN D 42 5.19 2.79 -3.51
CA ASN D 42 5.40 3.21 -2.13
C ASN D 42 4.19 2.94 -1.23
N ILE D 43 3.00 3.16 -1.78
CA ILE D 43 1.75 2.86 -1.08
C ILE D 43 1.66 1.37 -0.74
N GLU D 44 2.03 0.51 -1.70
CA GLU D 44 1.97 -0.93 -1.50
C GLU D 44 2.89 -1.35 -0.36
N GLU D 45 4.12 -0.87 -0.42
CA GLU D 45 5.11 -1.21 0.58
C GLU D 45 4.69 -0.71 1.97
N SER D 46 4.24 0.54 2.03
CA SER D 46 3.81 1.12 3.31
C SER D 46 2.61 0.38 3.90
N THR D 47 1.68 0.01 3.03
CA THR D 47 0.49 -0.72 3.46
C THR D 47 0.88 -2.06 4.07
N ASP D 48 1.79 -2.77 3.39
CA ASP D 48 2.29 -4.04 3.90
C ASP D 48 2.99 -3.88 5.25
N ASP D 49 3.86 -2.88 5.36
CA ASP D 49 4.61 -2.63 6.58
C ASP D 49 3.66 -2.37 7.76
N LEU D 50 2.63 -1.55 7.52
CA LEU D 50 1.65 -1.26 8.56
C LEU D 50 0.90 -2.52 9.00
N ASP D 51 0.48 -3.31 8.02
CA ASP D 51 -0.24 -4.56 8.27
C ASP D 51 0.56 -5.47 9.19
N ILE D 52 1.85 -5.63 8.88
CA ILE D 52 2.73 -6.45 9.70
C ILE D 52 2.85 -5.90 11.12
N ASN D 53 3.05 -4.59 11.23
CA ASN D 53 3.18 -3.94 12.54
C ASN D 53 1.92 -4.17 13.35
N LEU D 54 0.76 -4.08 12.70
CA LEU D 54 -0.51 -4.27 13.41
C LEU D 54 -0.69 -5.70 13.91
N HIS D 55 -0.37 -6.68 13.06
CA HIS D 55 -0.43 -8.08 13.48
C HIS D 55 0.49 -8.36 14.66
N MET D 56 1.70 -7.79 14.60
CA MET D 56 2.65 -7.95 15.69
C MET D 56 2.05 -7.46 16.99
N ASN D 57 1.59 -6.21 17.02
CA ASN D 57 1.00 -5.68 18.25
C ASN D 57 -0.27 -6.38 18.71
N THR D 58 -1.06 -6.86 17.76
CA THR D 58 -2.25 -7.63 18.10
C THR D 58 -1.86 -8.92 18.81
N ASN D 59 -0.86 -9.61 18.27
CA ASN D 59 -0.34 -10.81 18.92
C ASN D 59 0.20 -10.54 20.32
N ARG D 60 0.92 -9.43 20.48
CA ARG D 60 1.46 -9.06 21.79
C ARG D 60 0.34 -8.75 22.77
N LEU D 61 -0.69 -8.04 22.33
CA LEU D 61 -1.82 -7.72 23.21
C LEU D 61 -2.56 -8.99 23.65
N ALA D 62 -2.64 -9.97 22.76
CA ALA D 62 -3.31 -11.22 23.07
C ALA D 62 -2.72 -11.88 24.32
N GLY D 63 -1.42 -11.68 24.53
CA GLY D 63 -0.73 -12.32 25.63
C GLY D 63 -0.79 -11.53 26.92
N ILE D 64 -1.47 -10.40 26.89
CA ILE D 64 -1.55 -9.54 28.08
C ILE D 64 -2.89 -9.64 28.78
N THR E 4 27.58 17.26 40.47
CA THR E 4 26.56 16.38 39.89
C THR E 4 25.41 17.17 39.27
N ALA E 5 25.06 18.30 39.89
CA ALA E 5 24.00 19.15 39.37
C ALA E 5 24.31 19.66 37.96
N GLU E 6 25.54 20.14 37.75
CA GLU E 6 25.94 20.62 36.43
C GLU E 6 25.92 19.50 35.41
N LEU E 7 26.42 18.33 35.81
CA LEU E 7 26.48 17.18 34.93
C LEU E 7 25.07 16.75 34.49
N GLN E 8 24.15 16.75 35.45
CA GLN E 8 22.76 16.40 35.15
C GLN E 8 22.15 17.37 34.14
N ALA E 9 22.44 18.66 34.33
CA ALA E 9 21.94 19.69 33.42
C ALA E 9 22.50 19.49 32.02
N GLU E 10 23.78 19.15 31.92
CA GLU E 10 24.40 18.94 30.60
C GLU E 10 23.81 17.73 29.90
N ILE E 11 23.60 16.64 30.64
CA ILE E 11 22.96 15.46 30.05
C ILE E 11 21.53 15.79 29.60
N ASP E 12 20.81 16.54 30.43
CA ASP E 12 19.45 16.95 30.09
C ASP E 12 19.46 17.79 28.82
N ASP E 13 20.42 18.70 28.72
CA ASP E 13 20.51 19.55 27.52
C ASP E 13 20.79 18.68 26.31
N THR E 14 21.69 17.73 26.47
CA THR E 14 22.12 16.90 25.35
C THR E 14 20.99 15.96 24.91
N VAL E 15 20.19 15.49 25.87
CA VAL E 15 18.99 14.72 25.52
C VAL E 15 18.05 15.56 24.63
N GLY E 16 17.87 16.84 24.97
CA GLY E 16 17.05 17.73 24.17
C GLY E 16 17.61 17.94 22.77
N ILE E 17 18.92 18.14 22.68
CA ILE E 17 19.55 18.35 21.38
C ILE E 17 19.44 17.09 20.53
N MET E 18 19.57 15.93 21.17
CA MET E 18 19.50 14.67 20.43
C MET E 18 18.08 14.37 19.98
N ARG E 19 17.11 14.72 20.82
CA ARG E 19 15.71 14.66 20.38
C ARG E 19 15.48 15.56 19.16
N ASP E 20 16.03 16.77 19.21
CA ASP E 20 15.94 17.69 18.06
C ASP E 20 16.56 17.04 16.81
N ASN E 21 17.68 16.35 16.99
CA ASN E 21 18.38 15.70 15.90
C ASN E 21 17.58 14.55 15.30
N ILE E 22 16.91 13.79 16.15
CA ILE E 22 16.07 12.70 15.68
C ILE E 22 14.96 13.25 14.80
N ASN E 23 14.35 14.36 15.22
CA ASN E 23 13.37 15.05 14.37
C ASN E 23 13.98 15.40 13.02
N LYS E 24 15.15 16.02 13.04
CA LYS E 24 15.81 16.45 11.79
C LYS E 24 16.11 15.28 10.87
N VAL E 25 16.58 14.17 11.43
CA VAL E 25 16.99 13.05 10.59
C VAL E 25 15.77 12.31 10.05
N ALA E 26 14.64 12.42 10.76
CA ALA E 26 13.39 11.82 10.34
C ALA E 26 12.89 12.59 9.12
N GLU E 27 12.92 13.91 9.19
CA GLU E 27 12.53 14.73 8.05
C GLU E 27 13.45 14.46 6.87
N ARG E 28 14.75 14.38 7.16
CA ARG E 28 15.75 14.08 6.14
C ARG E 28 15.42 12.78 5.38
N GLY E 29 15.07 11.75 6.13
CA GLY E 29 14.75 10.47 5.52
C GLY E 29 13.56 10.54 4.58
N GLU E 30 12.55 11.32 4.95
CA GLU E 30 11.40 11.52 4.06
C GLU E 30 11.80 12.23 2.77
N ARG E 31 12.63 13.26 2.89
CA ARG E 31 13.12 13.97 1.70
C ARG E 31 13.92 13.01 0.82
N LEU E 32 14.80 12.21 1.44
CA LEU E 32 15.65 11.31 0.67
C LEU E 32 14.85 10.25 -0.07
N THR E 33 13.77 9.78 0.54
CA THR E 33 12.87 8.84 -0.13
C THR E 33 12.26 9.50 -1.36
N SER E 34 11.73 10.71 -1.18
CA SER E 34 11.17 11.48 -2.28
C SER E 34 12.21 11.71 -3.38
N ILE E 35 13.41 12.10 -2.98
CA ILE E 35 14.45 12.41 -3.96
C ILE E 35 14.94 11.17 -4.70
N GLU E 36 14.98 10.02 -4.04
CA GLU E 36 15.34 8.77 -4.72
C GLU E 36 14.44 8.52 -5.93
N ASP E 37 13.14 8.68 -5.72
CA ASP E 37 12.17 8.49 -6.79
C ASP E 37 12.42 9.51 -7.90
N LYS E 38 12.70 10.75 -7.51
CA LYS E 38 12.91 11.79 -8.51
C LYS E 38 14.19 11.55 -9.30
N ALA E 39 15.23 11.06 -8.62
CA ALA E 39 16.50 10.76 -9.26
C ALA E 39 16.33 9.61 -10.24
N ASP E 40 15.52 8.63 -9.87
CA ASP E 40 15.25 7.50 -10.74
C ASP E 40 14.60 7.99 -12.03
N ASN E 41 13.56 8.81 -11.89
CA ASN E 41 12.88 9.42 -13.04
C ASN E 41 13.82 10.30 -13.86
N LEU E 42 14.70 11.02 -13.17
CA LEU E 42 15.69 11.85 -13.86
C LEU E 42 16.62 11.01 -14.74
N ALA E 43 17.05 9.86 -14.25
CA ALA E 43 17.90 8.98 -15.04
C ALA E 43 17.16 8.50 -16.28
N VAL E 44 15.88 8.15 -16.11
CA VAL E 44 15.05 7.75 -17.23
C VAL E 44 14.91 8.89 -18.24
N SER E 45 14.69 10.10 -17.74
CA SER E 45 14.53 11.27 -18.60
C SER E 45 15.82 11.57 -19.37
N ALA E 46 16.95 11.46 -18.69
CA ALA E 46 18.24 11.74 -19.31
C ALA E 46 18.57 10.74 -20.42
N GLN E 47 18.24 9.48 -20.17
CA GLN E 47 18.46 8.45 -21.18
C GLN E 47 17.55 8.71 -22.38
N GLY E 48 16.34 9.18 -22.14
CA GLY E 48 15.40 9.44 -23.24
C GLY E 48 15.91 10.59 -24.09
N PHE E 49 16.47 11.60 -23.43
CA PHE E 49 17.09 12.72 -24.12
C PHE E 49 18.28 12.26 -24.94
N LYS E 50 19.17 11.48 -24.34
CA LYS E 50 20.33 10.95 -25.07
C LYS E 50 19.89 10.18 -26.32
N ARG E 51 18.93 9.27 -26.16
CA ARG E 51 18.46 8.48 -27.30
C ARG E 51 17.80 9.36 -28.35
N GLY E 52 17.01 10.33 -27.93
CA GLY E 52 16.39 11.25 -28.87
C GLY E 52 17.41 12.03 -29.67
N ALA E 53 18.45 12.49 -29.01
CA ALA E 53 19.52 13.25 -29.67
C ALA E 53 20.28 12.37 -30.66
N ASN E 54 20.63 11.16 -30.24
CA ASN E 54 21.27 10.19 -31.12
C ASN E 54 20.42 9.86 -32.36
N ARG E 55 19.12 9.73 -32.17
CA ARG E 55 18.23 9.42 -33.29
C ARG E 55 18.31 10.53 -34.33
N VAL E 56 18.28 11.77 -33.86
CA VAL E 56 18.30 12.92 -34.76
C VAL E 56 19.65 13.00 -35.47
N ARG E 57 20.72 12.75 -34.71
CA ARG E 57 22.07 12.74 -35.26
C ARG E 57 22.19 11.74 -36.39
N LYS E 58 21.77 10.51 -36.15
CA LYS E 58 21.82 9.48 -37.20
C LYS E 58 20.96 9.83 -38.41
N ALA E 59 19.77 10.37 -38.17
CA ALA E 59 18.82 10.68 -39.23
C ALA E 59 19.40 11.66 -40.26
N MET E 60 20.29 12.53 -39.81
CA MET E 60 20.91 13.53 -40.67
C MET E 60 21.64 12.90 -41.85
N TRP E 61 22.14 11.68 -41.66
CA TRP E 61 22.90 11.02 -42.73
C TRP E 61 21.99 10.38 -43.76
N ALA F 1 26.86 11.48 56.89
CA ALA F 1 25.75 10.71 57.46
C ALA F 1 25.03 9.87 56.41
N LEU F 2 24.11 9.03 56.88
CA LEU F 2 23.35 8.15 55.99
C LEU F 2 22.42 8.96 55.08
N ALA F 3 21.84 10.02 55.62
CA ALA F 3 20.97 10.89 54.83
C ALA F 3 21.73 11.54 53.67
N GLU F 4 22.96 11.97 53.95
CA GLU F 4 23.79 12.60 52.92
C GLU F 4 24.07 11.64 51.76
N VAL F 5 24.47 10.42 52.08
CA VAL F 5 24.82 9.46 51.03
C VAL F 5 23.59 8.95 50.31
N GLN F 6 22.46 8.90 51.02
CA GLN F 6 21.22 8.47 50.38
C GLN F 6 20.74 9.51 49.38
N ALA F 7 20.88 10.79 49.73
CA ALA F 7 20.51 11.87 48.81
C ALA F 7 21.40 11.86 47.58
N ARG F 8 22.71 11.72 47.79
CA ARG F 8 23.62 11.64 46.66
C ARG F 8 23.30 10.45 45.80
N HIS F 9 22.96 9.32 46.42
CA HIS F 9 22.60 8.14 45.64
C HIS F 9 21.41 8.40 44.72
N GLN F 10 20.40 9.10 45.22
CA GLN F 10 19.27 9.45 44.36
C GLN F 10 19.70 10.30 43.18
N GLU F 11 20.61 11.24 43.42
CA GLU F 11 21.15 12.07 42.34
C GLU F 11 21.84 11.22 41.28
N LEU F 12 22.51 10.16 41.73
CA LEU F 12 23.24 9.31 40.80
C LEU F 12 22.31 8.39 40.00
N LEU F 13 21.24 7.91 40.63
CA LEU F 13 20.23 7.12 39.91
C LEU F 13 19.55 7.96 38.83
N LYS F 14 19.33 9.24 39.14
CA LYS F 14 18.74 10.15 38.17
C LYS F 14 19.67 10.35 36.97
N LEU F 15 20.96 10.51 37.26
CA LEU F 15 22.01 10.63 36.24
C LEU F 15 22.02 9.40 35.34
N GLU F 16 21.93 8.23 35.95
CA GLU F 16 21.98 6.96 35.24
C GLU F 16 20.79 6.78 34.32
N LYS F 17 19.60 7.15 34.80
CA LYS F 17 18.39 7.07 34.01
C LYS F 17 18.45 8.02 32.80
N SER F 18 19.02 9.20 33.00
CA SER F 18 19.11 10.20 31.94
C SER F 18 20.13 9.76 30.91
N MET F 19 21.23 9.18 31.39
CA MET F 19 22.25 8.70 30.46
C MET F 19 21.71 7.54 29.64
N ALA F 20 20.89 6.69 30.25
CA ALA F 20 20.26 5.58 29.53
C ALA F 20 19.41 6.11 28.37
N GLU F 21 18.66 7.16 28.63
CA GLU F 21 17.83 7.77 27.59
C GLU F 21 18.73 8.37 26.51
N LEU F 22 19.77 9.06 26.92
CA LEU F 22 20.69 9.70 25.97
C LEU F 22 21.37 8.66 25.09
N THR F 23 21.77 7.55 25.69
CA THR F 23 22.46 6.50 24.94
C THR F 23 21.53 5.87 23.90
N GLN F 24 20.27 5.65 24.28
CA GLN F 24 19.30 5.10 23.35
C GLN F 24 19.13 6.06 22.17
N LEU F 25 19.15 7.36 22.45
CA LEU F 25 18.98 8.34 21.37
C LEU F 25 20.17 8.31 20.40
N PHE F 26 21.39 8.25 20.92
CA PHE F 26 22.57 8.09 20.05
C PHE F 26 22.50 6.80 19.23
N ASN F 27 22.05 5.72 19.85
CA ASN F 27 21.87 4.44 19.14
C ASN F 27 20.83 4.54 18.04
N ASP F 28 19.69 5.18 18.34
CA ASP F 28 18.62 5.36 17.36
C ASP F 28 19.10 6.18 16.19
N MET F 29 19.83 7.26 16.47
CA MET F 29 20.32 8.15 15.42
C MET F 29 21.25 7.38 14.49
N GLU F 30 22.17 6.64 15.08
CA GLU F 30 23.11 5.82 14.29
C GLU F 30 22.36 4.88 13.36
N GLU F 31 21.35 4.19 13.90
CA GLU F 31 20.53 3.28 13.10
C GLU F 31 19.85 3.99 11.93
N LEU F 32 19.28 5.17 12.17
CA LEU F 32 18.55 5.87 11.11
C LEU F 32 19.50 6.33 10.01
N VAL F 33 20.66 6.82 10.40
CA VAL F 33 21.66 7.27 9.42
C VAL F 33 22.16 6.10 8.56
N ILE F 34 22.36 4.94 9.18
CA ILE F 34 22.71 3.73 8.44
C ILE F 34 21.62 3.37 7.44
N GLU F 35 20.37 3.43 7.87
CA GLU F 35 19.24 3.11 7.01
C GLU F 35 19.18 4.04 5.80
N GLN F 36 19.46 5.32 6.05
CA GLN F 36 19.33 6.32 4.98
C GLN F 36 20.49 6.28 4.00
N GLN F 37 21.57 5.59 4.36
CA GLN F 37 22.72 5.42 3.46
C GLN F 37 22.31 4.84 2.11
N GLU F 38 21.39 3.88 2.13
CA GLU F 38 20.93 3.24 0.90
C GLU F 38 20.33 4.25 -0.06
N ASN F 39 19.49 5.15 0.45
CA ASN F 39 18.90 6.19 -0.39
C ASN F 39 19.96 7.10 -0.99
N VAL F 40 20.91 7.56 -0.17
CA VAL F 40 21.97 8.45 -0.67
C VAL F 40 22.79 7.77 -1.77
N ASP F 41 23.13 6.49 -1.58
CA ASP F 41 23.86 5.72 -2.59
C ASP F 41 23.14 5.69 -3.93
N VAL F 42 21.85 5.38 -3.87
CA VAL F 42 21.05 5.27 -5.09
C VAL F 42 20.88 6.63 -5.77
N ILE F 43 20.63 7.66 -4.98
CA ILE F 43 20.51 9.01 -5.54
C ILE F 43 21.81 9.43 -6.26
N ASP F 44 22.94 9.19 -5.61
CA ASP F 44 24.26 9.54 -6.18
C ASP F 44 24.50 8.79 -7.50
N LYS F 45 24.23 7.49 -7.51
CA LYS F 45 24.44 6.68 -8.71
C LYS F 45 23.54 7.16 -9.84
N ASN F 46 22.25 7.32 -9.56
CA ASN F 46 21.30 7.71 -10.60
C ASN F 46 21.61 9.08 -11.18
N VAL F 47 21.96 10.04 -10.32
CA VAL F 47 22.26 11.37 -10.81
C VAL F 47 23.56 11.39 -11.62
N GLU F 48 24.53 10.58 -11.20
CA GLU F 48 25.78 10.46 -11.96
C GLU F 48 25.49 9.90 -13.34
N ASP F 49 24.70 8.83 -13.39
CA ASP F 49 24.32 8.21 -14.66
C ASP F 49 23.53 9.19 -15.51
N ALA F 50 22.61 9.92 -14.88
CA ALA F 50 21.82 10.91 -15.61
C ALA F 50 22.71 11.97 -16.23
N GLN F 51 23.68 12.47 -15.46
CA GLN F 51 24.60 13.50 -15.95
C GLN F 51 25.38 13.04 -17.17
N LEU F 52 25.91 11.83 -17.12
CA LEU F 52 26.66 11.28 -18.26
C LEU F 52 25.78 11.13 -19.49
N ASP F 53 24.50 10.80 -19.29
CA ASP F 53 23.60 10.67 -20.44
C ASP F 53 23.28 12.02 -21.06
N VAL F 54 23.06 13.03 -20.22
CA VAL F 54 22.88 14.39 -20.73
C VAL F 54 24.12 14.86 -21.49
N GLU F 55 25.29 14.59 -20.95
CA GLU F 55 26.55 14.99 -21.60
C GLU F 55 26.67 14.33 -22.98
N GLN F 56 26.38 13.04 -23.06
CA GLN F 56 26.38 12.34 -24.34
C GLN F 56 25.34 12.90 -25.28
N GLY F 57 24.15 13.21 -24.75
CA GLY F 57 23.07 13.75 -25.54
C GLY F 57 23.45 15.09 -26.18
N VAL F 58 24.08 15.95 -25.39
CA VAL F 58 24.61 17.21 -25.92
C VAL F 58 25.62 16.94 -27.04
N GLY F 59 26.49 15.97 -26.82
CA GLY F 59 27.47 15.58 -27.82
C GLY F 59 26.81 15.17 -29.13
N HIS F 60 25.75 14.38 -29.02
CA HIS F 60 25.02 13.95 -30.20
C HIS F 60 24.40 15.15 -30.92
N THR F 61 23.79 16.05 -30.17
CA THR F 61 23.15 17.22 -30.78
C THR F 61 24.20 18.07 -31.48
N ASP F 62 25.41 18.09 -30.94
CA ASP F 62 26.49 18.87 -31.54
C ASP F 62 26.91 18.28 -32.88
N LYS F 63 27.04 16.96 -32.93
CA LYS F 63 27.41 16.28 -34.18
C LYS F 63 26.31 16.46 -35.24
N ALA F 64 25.07 16.47 -34.76
CA ALA F 64 23.91 16.63 -35.63
C ALA F 64 23.97 17.97 -36.33
N VAL F 65 24.09 19.04 -35.55
CA VAL F 65 24.18 20.38 -36.11
C VAL F 65 25.32 20.47 -37.12
N LYS F 66 26.46 19.88 -36.80
CA LYS F 66 27.59 19.92 -37.74
C LYS F 66 27.29 19.15 -39.01
N SER F 67 26.46 18.11 -38.89
CA SER F 67 26.07 17.30 -40.04
C SER F 67 25.20 18.03 -41.05
N ALA F 68 24.37 18.95 -40.56
CA ALA F 68 23.45 19.67 -41.43
C ALA F 68 24.05 21.00 -41.91
N GLY G 1 26.38 -0.43 58.28
CA GLY G 1 25.96 -1.33 57.22
C GLY G 1 25.25 -0.61 56.08
N SER G 2 24.23 0.16 56.43
CA SER G 2 23.42 0.85 55.43
C SER G 2 24.20 1.92 54.68
N ILE G 3 25.13 2.59 55.36
CA ILE G 3 25.96 3.58 54.69
C ILE G 3 26.83 2.90 53.64
N LYS G 4 27.50 1.83 54.04
CA LYS G 4 28.34 1.04 53.13
C LYS G 4 27.55 0.55 51.93
N PHE G 5 26.38 -0.04 52.19
CA PHE G 5 25.54 -0.56 51.13
C PHE G 5 25.14 0.53 50.13
N THR G 6 24.77 1.70 50.65
CA THR G 6 24.39 2.82 49.80
C THR G 6 25.57 3.24 48.93
N LYS G 7 26.74 3.34 49.54
CA LYS G 7 27.92 3.76 48.79
C LYS G 7 28.24 2.75 47.68
N GLN G 8 28.10 1.46 47.97
CA GLN G 8 28.36 0.44 46.97
C GLN G 8 27.33 0.52 45.84
N SER G 9 26.09 0.83 46.20
CA SER G 9 25.03 1.00 45.20
C SER G 9 25.37 2.19 44.31
N SER G 10 25.91 3.25 44.92
CA SER G 10 26.33 4.42 44.16
C SER G 10 27.50 4.11 43.22
N VAL G 11 28.46 3.32 43.70
CA VAL G 11 29.61 2.90 42.90
C VAL G 11 29.10 2.16 41.66
N ALA G 12 28.18 1.22 41.88
CA ALA G 12 27.59 0.45 40.78
C ALA G 12 26.84 1.31 39.78
N SER G 13 26.06 2.27 40.27
CA SER G 13 25.32 3.16 39.39
C SER G 13 26.26 3.94 38.48
N THR G 14 27.33 4.50 39.05
CA THR G 14 28.27 5.30 38.25
C THR G 14 29.02 4.46 37.22
N ARG G 15 29.32 3.21 37.57
CA ARG G 15 29.97 2.33 36.60
C ARG G 15 29.08 2.15 35.38
N ASN G 16 27.79 1.90 35.61
CA ASN G 16 26.87 1.71 34.50
C ASN G 16 26.68 2.99 33.69
N THR G 17 26.58 4.11 34.39
CA THR G 17 26.44 5.39 33.70
C THR G 17 27.63 5.63 32.76
N LEU G 18 28.83 5.30 33.23
CA LEU G 18 30.02 5.48 32.40
C LEU G 18 30.01 4.53 31.20
N LYS G 19 29.63 3.28 31.43
CA LYS G 19 29.58 2.30 30.34
C LYS G 19 28.62 2.76 29.25
N MET G 20 27.44 3.24 29.65
CA MET G 20 26.45 3.72 28.69
C MET G 20 26.95 4.94 27.94
N ALA G 21 27.59 5.86 28.66
CA ALA G 21 28.11 7.08 28.06
C ALA G 21 29.13 6.76 26.97
N GLN G 22 29.98 5.77 27.24
CA GLN G 22 31.00 5.35 26.28
C GLN G 22 30.38 4.71 25.04
N ASP G 23 29.30 3.95 25.23
CA ASP G 23 28.56 3.37 24.10
C ASP G 23 27.89 4.47 23.26
N ALA G 24 27.35 5.47 23.95
CA ALA G 24 26.76 6.63 23.29
C ALA G 24 27.81 7.31 22.41
N GLU G 25 29.00 7.51 22.98
CA GLU G 25 30.06 8.18 22.24
C GLU G 25 30.48 7.42 20.99
N ARG G 26 30.54 6.09 21.10
CA ARG G 26 30.85 5.25 19.94
C ARG G 26 29.85 5.48 18.81
N ALA G 27 28.56 5.38 19.15
CA ALA G 27 27.48 5.59 18.20
C ALA G 27 27.57 6.99 17.58
N GLY G 28 27.78 8.00 18.42
CA GLY G 28 27.85 9.38 17.96
C GLY G 28 28.98 9.64 16.98
N MET G 29 30.14 9.03 17.24
CA MET G 29 31.29 9.20 16.35
C MET G 29 31.04 8.51 15.02
N ASN G 30 30.43 7.33 15.07
CA ASN G 30 30.09 6.64 13.81
C ASN G 30 29.10 7.45 13.00
N THR G 31 28.11 8.02 13.69
CA THR G 31 27.09 8.85 13.06
C THR G 31 27.72 10.04 12.35
N LEU G 32 28.65 10.73 13.01
CA LEU G 32 29.31 11.89 12.39
C LEU G 32 30.12 11.45 11.18
N GLY G 33 30.78 10.30 11.30
CA GLY G 33 31.53 9.75 10.18
C GLY G 33 30.63 9.51 8.98
N MET G 34 29.49 8.85 9.20
CA MET G 34 28.56 8.54 8.13
C MET G 34 27.91 9.80 7.55
N LEU G 35 27.58 10.75 8.42
CA LEU G 35 26.98 12.00 7.94
C LEU G 35 27.97 12.77 7.09
N GLY G 36 29.24 12.74 7.45
CA GLY G 36 30.27 13.39 6.65
C GLY G 36 30.38 12.77 5.27
N HIS G 37 30.37 11.44 5.22
CA HIS G 37 30.43 10.72 3.95
C HIS G 37 29.21 11.04 3.11
N GLN G 38 28.04 11.04 3.74
CA GLN G 38 26.78 11.31 3.04
C GLN G 38 26.72 12.77 2.55
N SER G 39 27.35 13.68 3.31
CA SER G 39 27.46 15.07 2.89
CA SER G 39 27.45 15.07 2.88
C SER G 39 28.28 15.18 1.61
N GLU G 40 29.35 14.39 1.52
CA GLU G 40 30.20 14.40 0.33
C GLU G 40 29.43 13.87 -0.87
N GLN G 41 28.62 12.85 -0.64
CA GLN G 41 27.82 12.26 -1.71
C GLN G 41 26.79 13.25 -2.19
N LEU G 42 26.12 13.91 -1.25
CA LEU G 42 25.10 14.89 -1.61
C LEU G 42 25.73 16.07 -2.33
N ASN G 43 26.95 16.41 -1.95
CA ASN G 43 27.68 17.45 -2.66
C ASN G 43 27.94 17.04 -4.09
N ASN G 44 28.26 15.77 -4.28
CA ASN G 44 28.49 15.26 -5.64
C ASN G 44 27.21 15.36 -6.46
N VAL G 45 26.10 15.04 -5.80
CA VAL G 45 24.78 15.09 -6.44
C VAL G 45 24.45 16.53 -6.84
N GLU G 46 24.63 17.48 -5.92
CA GLU G 46 24.32 18.88 -6.24
C GLU G 46 25.18 19.36 -7.40
N GLY G 47 26.46 19.00 -7.38
CA GLY G 47 27.38 19.38 -8.44
C GLY G 47 26.99 18.80 -9.78
N ASN G 48 26.61 17.52 -9.79
CA ASN G 48 26.18 16.88 -11.04
C ASN G 48 24.91 17.51 -11.59
N LEU G 49 23.96 17.83 -10.73
CA LEU G 49 22.73 18.50 -11.14
C LEU G 49 23.00 19.88 -11.75
N ASP G 50 23.88 20.65 -11.10
CA ASP G 50 24.25 21.96 -11.64
C ASP G 50 24.94 21.84 -13.00
N LEU G 51 25.80 20.84 -13.14
CA LEU G 51 26.44 20.61 -14.44
C LEU G 51 25.42 20.25 -15.52
N MET G 52 24.44 19.42 -15.15
CA MET G 52 23.34 19.06 -16.05
C MET G 52 22.54 20.27 -16.49
N LYS G 53 22.35 21.22 -15.58
CA LYS G 53 21.62 22.44 -15.94
C LYS G 53 22.42 23.26 -16.94
N VAL G 54 23.73 23.37 -16.70
CA VAL G 54 24.60 24.06 -17.66
C VAL G 54 24.60 23.37 -19.02
N GLN G 55 24.72 22.05 -19.02
CA GLN G 55 24.80 21.29 -20.25
C GLN G 55 23.46 21.34 -20.98
N ASN G 56 22.37 21.38 -20.22
CA ASN G 56 21.04 21.49 -20.83
CA ASN G 56 21.03 21.50 -20.81
C ASN G 56 20.84 22.82 -21.53
N LYS G 57 21.47 23.87 -21.02
CA LYS G 57 21.40 25.17 -21.66
C LYS G 57 22.09 25.09 -23.01
N VAL G 58 23.18 24.35 -23.07
CA VAL G 58 23.87 24.14 -24.33
C VAL G 58 22.97 23.35 -25.28
N ALA G 59 22.25 22.38 -24.74
CA ALA G 59 21.33 21.56 -25.53
C ALA G 59 20.21 22.41 -26.10
N ASP G 60 19.70 23.33 -25.29
CA ASP G 60 18.66 24.25 -25.74
C ASP G 60 19.08 24.95 -27.03
N GLU G 61 20.32 25.42 -27.07
CA GLU G 61 20.81 26.16 -28.23
C GLU G 61 21.04 25.28 -29.45
N LYS G 62 21.65 24.11 -29.24
CA LYS G 62 21.88 23.17 -30.33
C LYS G 62 20.56 22.70 -30.93
N VAL G 63 19.60 22.40 -30.06
CA VAL G 63 18.28 21.97 -30.53
C VAL G 63 17.61 23.05 -31.37
N ALA G 64 17.69 24.30 -30.92
CA ALA G 64 17.12 25.43 -31.66
C ALA G 64 17.77 25.53 -33.03
N GLU G 65 19.08 25.31 -33.08
CA GLU G 65 19.82 25.35 -34.32
C GLU G 65 19.37 24.25 -35.28
N LEU G 66 19.14 23.07 -34.74
CA LEU G 66 18.65 21.95 -35.54
C LEU G 66 17.28 22.26 -36.13
N LYS G 67 16.41 22.85 -35.32
CA LYS G 67 15.10 23.26 -35.81
C LYS G 67 15.22 24.16 -37.04
N LYS G 68 16.09 25.16 -36.98
CA LYS G 68 16.23 26.12 -38.05
C LYS G 68 16.80 25.47 -39.31
N LEU G 69 17.64 24.45 -39.13
CA LEU G 69 18.27 23.77 -40.24
C LEU G 69 17.34 22.75 -40.87
N SER H 2 39.03 5.33 51.99
CA SER H 2 37.85 5.84 51.28
C SER H 2 37.83 5.42 49.81
N GLU H 3 38.10 4.15 49.56
CA GLU H 3 38.21 3.67 48.17
C GLU H 3 36.92 3.83 47.36
N MET H 4 35.76 3.65 47.99
CA MET H 4 34.50 3.80 47.25
C MET H 4 34.23 5.25 46.88
N GLU H 5 34.47 6.16 47.81
CA GLU H 5 34.34 7.59 47.55
C GLU H 5 35.29 7.98 46.42
N LEU H 6 36.49 7.42 46.44
CA LEU H 6 37.49 7.72 45.41
C LEU H 6 37.03 7.23 44.03
N GLU H 7 36.46 6.04 43.98
CA GLU H 7 35.96 5.52 42.70
C GLU H 7 34.77 6.32 42.19
N ILE H 8 33.83 6.65 43.09
CA ILE H 8 32.67 7.46 42.72
C ILE H 8 33.14 8.76 42.04
N ASP H 9 34.15 9.37 42.64
CA ASP H 9 34.70 10.63 42.13
C ASP H 9 35.39 10.42 40.78
N ARG H 10 36.22 9.39 40.68
CA ARG H 10 36.88 9.09 39.42
C ARG H 10 35.85 8.82 38.32
N ASN H 11 34.85 8.03 38.65
CA ASN H 11 33.82 7.68 37.66
C ASN H 11 33.04 8.91 37.20
N LEU H 12 32.68 9.78 38.15
CA LEU H 12 31.96 11.01 37.80
C LEU H 12 32.81 11.93 36.93
N ASP H 13 34.11 11.97 37.21
CA ASP H 13 35.03 12.78 36.41
C ASP H 13 35.09 12.26 34.98
N GLN H 14 35.13 10.94 34.84
CA GLN H 14 35.20 10.33 33.51
C GLN H 14 33.88 10.50 32.75
N ILE H 15 32.77 10.41 33.48
CA ILE H 15 31.46 10.61 32.88
C ILE H 15 31.35 12.06 32.39
N GLN H 16 31.86 12.98 33.19
CA GLN H 16 31.80 14.39 32.83
C GLN H 16 32.59 14.65 31.55
N GLN H 17 33.72 13.97 31.39
CA GLN H 17 34.55 14.15 30.18
C GLN H 17 33.82 13.63 28.96
N VAL H 18 33.22 12.45 29.11
CA VAL H 18 32.48 11.87 27.98
C VAL H 18 31.27 12.74 27.66
N SER H 19 30.53 13.14 28.70
CA SER H 19 29.34 13.98 28.53
C SER H 19 29.66 15.25 27.77
N ASN H 20 30.80 15.87 28.06
CA ASN H 20 31.21 17.09 27.37
C ASN H 20 31.33 16.84 25.87
N ARG H 21 31.92 15.71 25.50
CA ARG H 21 32.07 15.37 24.09
C ARG H 21 30.73 14.99 23.47
N LEU H 22 29.87 14.34 24.25
CA LEU H 22 28.53 14.01 23.77
C LEU H 22 27.76 15.27 23.38
N LYS H 23 27.85 16.32 24.20
CA LYS H 23 27.13 17.56 23.91
C LYS H 23 27.66 18.18 22.64
N LYS H 24 28.99 18.28 22.54
CA LYS H 24 29.59 18.85 21.34
C LYS H 24 29.21 18.05 20.10
N MET H 25 29.21 16.72 20.22
CA MET H 25 28.85 15.89 19.07
C MET H 25 27.40 16.10 18.66
N ALA H 26 26.51 16.16 19.65
CA ALA H 26 25.09 16.38 19.39
C ALA H 26 24.86 17.69 18.67
N LEU H 27 25.53 18.75 19.12
CA LEU H 27 25.39 20.04 18.47
C LEU H 27 25.92 20.02 17.04
N THR H 28 27.11 19.45 16.86
CA THR H 28 27.72 19.40 15.53
C THR H 28 26.84 18.59 14.60
N THR H 29 26.23 17.53 15.14
CA THR H 29 25.38 16.66 14.34
C THR H 29 24.17 17.46 13.84
N GLY H 30 23.61 18.27 14.73
CA GLY H 30 22.51 19.15 14.36
C GLY H 30 22.88 20.16 13.28
N LYS H 31 24.05 20.77 13.40
CA LYS H 31 24.51 21.73 12.38
C LYS H 31 24.73 21.04 11.05
N GLU H 32 25.20 19.81 11.07
CA GLU H 32 25.45 19.09 9.81
C GLU H 32 24.11 18.72 9.18
N LEU H 33 23.15 18.32 9.99
CA LEU H 33 21.81 18.03 9.49
C LEU H 33 21.18 19.29 8.91
N ASP H 34 21.36 20.42 9.57
CA ASP H 34 20.88 21.71 9.04
C ASP H 34 21.50 22.00 7.68
N SER H 35 22.80 21.78 7.54
CA SER H 35 23.46 21.98 6.26
C SER H 35 22.87 21.08 5.18
N GLN H 36 22.70 19.81 5.52
CA GLN H 36 22.20 18.83 4.57
C GLN H 36 20.77 19.14 4.11
N GLN H 37 19.97 19.70 5.01
CA GLN H 37 18.60 20.02 4.65
C GLN H 37 18.59 21.10 3.57
N LYS H 38 19.49 22.07 3.70
CA LYS H 38 19.60 23.14 2.72
C LYS H 38 20.01 22.54 1.38
N ARG H 39 20.95 21.61 1.42
CA ARG H 39 21.44 20.93 0.23
CA ARG H 39 21.42 20.98 0.20
C ARG H 39 20.32 20.16 -0.47
N LEU H 40 19.49 19.48 0.33
CA LEU H 40 18.38 18.72 -0.23
C LEU H 40 17.35 19.62 -0.90
N ASN H 41 17.10 20.80 -0.33
CA ASN H 41 16.29 21.82 -1.00
C ASN H 41 16.84 22.20 -2.37
N ASN H 42 18.14 22.45 -2.43
CA ASN H 42 18.80 22.81 -3.68
C ASN H 42 18.66 21.68 -4.68
N ILE H 43 18.85 20.46 -4.19
CA ILE H 43 18.78 19.26 -5.02
C ILE H 43 17.38 19.05 -5.60
N GLU H 44 16.35 19.23 -4.78
CA GLU H 44 14.98 19.09 -5.27
C GLU H 44 14.57 20.19 -6.24
N GLU H 45 14.99 21.42 -5.95
CA GLU H 45 14.76 22.54 -6.85
C GLU H 45 15.34 22.21 -8.22
N SER H 46 16.57 21.70 -8.22
CA SER H 46 17.28 21.44 -9.48
C SER H 46 16.67 20.25 -10.22
N THR H 47 16.31 19.21 -9.48
CA THR H 47 15.70 18.03 -10.09
C THR H 47 14.36 18.37 -10.79
N ASP H 48 13.52 19.15 -10.13
CA ASP H 48 12.24 19.55 -10.71
C ASP H 48 12.45 20.36 -12.00
N ASP H 49 13.43 21.26 -11.97
CA ASP H 49 13.72 22.10 -13.13
C ASP H 49 14.19 21.23 -14.29
N LEU H 50 15.11 20.32 -14.00
CA LEU H 50 15.67 19.43 -15.01
C LEU H 50 14.63 18.52 -15.65
N ASP H 51 13.64 18.09 -14.87
CA ASP H 51 12.55 17.27 -15.38
C ASP H 51 11.80 18.03 -16.47
N ILE H 52 11.42 19.27 -16.17
CA ILE H 52 10.72 20.11 -17.15
C ILE H 52 11.59 20.33 -18.38
N ASN H 53 12.83 20.73 -18.15
CA ASN H 53 13.71 21.11 -19.26
C ASN H 53 14.15 19.94 -20.14
N LEU H 54 14.49 18.81 -19.53
CA LEU H 54 14.90 17.64 -20.31
C LEU H 54 13.75 17.15 -21.19
N HIS H 55 12.55 17.14 -20.61
CA HIS H 55 11.39 16.67 -21.36
C HIS H 55 11.02 17.63 -22.49
N MET H 56 11.19 18.93 -22.27
CA MET H 56 10.94 19.88 -23.35
C MET H 56 11.90 19.63 -24.51
N ASN H 57 13.19 19.46 -24.21
CA ASN H 57 14.18 19.22 -25.26
C ASN H 57 14.01 17.90 -25.99
N THR H 58 13.64 16.86 -25.23
CA THR H 58 13.37 15.56 -25.83
C THR H 58 12.20 15.69 -26.80
N ASN H 59 11.15 16.38 -26.36
CA ASN H 59 9.98 16.59 -27.22
C ASN H 59 10.30 17.43 -28.45
N ARG H 60 11.15 18.44 -28.29
CA ARG H 60 11.55 19.23 -29.45
C ARG H 60 12.33 18.38 -30.47
N LEU H 61 13.24 17.54 -29.96
CA LEU H 61 14.03 16.66 -30.81
C LEU H 61 13.15 15.63 -31.54
N ALA H 62 12.10 15.17 -30.89
CA ALA H 62 11.20 14.19 -31.50
C ALA H 62 10.55 14.77 -32.75
N GLY H 63 10.34 16.08 -32.75
CA GLY H 63 9.69 16.75 -33.86
C GLY H 63 10.59 16.99 -35.05
N ILE H 64 11.86 16.62 -34.93
CA ILE H 64 12.83 16.83 -36.00
C ILE H 64 12.97 15.56 -36.83
N THR I 4 -14.72 -12.23 -27.08
CA THR I 4 -15.46 -13.40 -26.61
C THR I 4 -14.53 -14.46 -26.03
N ALA I 5 -13.37 -14.63 -26.66
CA ALA I 5 -12.38 -15.59 -26.19
C ALA I 5 -11.78 -15.13 -24.87
N GLU I 6 -11.54 -13.83 -24.76
CA GLU I 6 -11.04 -13.24 -23.51
C GLU I 6 -12.09 -13.36 -22.40
N LEU I 7 -13.34 -13.20 -22.78
CA LEU I 7 -14.46 -13.30 -21.85
C LEU I 7 -14.65 -14.73 -21.37
N GLN I 8 -14.54 -15.67 -22.31
CA GLN I 8 -14.64 -17.09 -21.99
C GLN I 8 -13.59 -17.47 -20.97
N ALA I 9 -12.38 -16.98 -21.18
CA ALA I 9 -11.26 -17.24 -20.28
C ALA I 9 -11.56 -16.76 -18.86
N GLU I 10 -12.08 -15.54 -18.75
CA GLU I 10 -12.39 -14.97 -17.44
C GLU I 10 -13.47 -15.79 -16.74
N ILE I 11 -14.50 -16.18 -17.47
CA ILE I 11 -15.59 -16.95 -16.87
C ILE I 11 -15.08 -18.30 -16.36
N ASP I 12 -14.23 -18.96 -17.16
CA ASP I 12 -13.68 -20.25 -16.77
C ASP I 12 -12.79 -20.14 -15.53
N ASP I 13 -12.04 -19.05 -15.45
CA ASP I 13 -11.22 -18.78 -14.27
C ASP I 13 -12.10 -18.61 -13.03
N THR I 14 -13.20 -17.88 -13.19
CA THR I 14 -14.11 -17.62 -12.08
C THR I 14 -14.80 -18.93 -11.66
N VAL I 15 -15.09 -19.78 -12.63
CA VAL I 15 -15.60 -21.10 -12.32
C VAL I 15 -14.60 -21.85 -11.44
N GLY I 16 -13.32 -21.76 -11.79
CA GLY I 16 -12.27 -22.39 -11.01
C GLY I 16 -12.25 -21.87 -9.58
N ILE I 17 -12.25 -20.55 -9.44
CA ILE I 17 -12.28 -19.93 -8.12
C ILE I 17 -13.51 -20.36 -7.32
N MET I 18 -14.65 -20.45 -7.99
CA MET I 18 -15.88 -20.83 -7.30
C MET I 18 -15.86 -22.30 -6.89
N ARG I 19 -15.29 -23.16 -7.72
CA ARG I 19 -15.11 -24.57 -7.32
C ARG I 19 -14.25 -24.64 -6.06
N ASP I 20 -13.17 -23.87 -6.04
CA ASP I 20 -12.31 -23.76 -4.86
C ASP I 20 -13.12 -23.34 -3.63
N ASN I 21 -14.01 -22.36 -3.81
CA ASN I 21 -14.84 -21.84 -2.72
C ASN I 21 -15.81 -22.87 -2.16
N ILE I 22 -16.34 -23.72 -3.05
CA ILE I 22 -17.21 -24.82 -2.63
C ILE I 22 -16.46 -25.79 -1.72
N ASN I 23 -15.21 -26.10 -2.07
CA ASN I 23 -14.39 -26.94 -1.22
C ASN I 23 -14.13 -26.26 0.13
N LYS I 24 -13.87 -24.95 0.09
CA LYS I 24 -13.64 -24.21 1.33
C LYS I 24 -14.87 -24.16 2.21
N VAL I 25 -16.05 -23.99 1.61
CA VAL I 25 -17.26 -23.86 2.40
C VAL I 25 -17.65 -25.23 2.97
N ALA I 26 -17.29 -26.29 2.26
CA ALA I 26 -17.51 -27.63 2.79
C ALA I 26 -16.65 -27.85 4.03
N GLU I 27 -15.41 -27.40 3.97
CA GLU I 27 -14.48 -27.47 5.10
C GLU I 27 -15.02 -26.64 6.27
N ARG I 28 -15.57 -25.48 5.94
CA ARG I 28 -16.16 -24.59 6.94
C ARG I 28 -17.32 -25.28 7.64
N GLY I 29 -18.17 -25.94 6.87
CA GLY I 29 -19.32 -26.65 7.41
C GLY I 29 -18.90 -27.77 8.34
N GLU I 30 -17.80 -28.44 7.99
CA GLU I 30 -17.29 -29.52 8.83
C GLU I 30 -16.77 -28.99 10.15
N ARG I 31 -16.09 -27.85 10.11
CA ARG I 31 -15.57 -27.22 11.32
C ARG I 31 -16.70 -26.70 12.19
N LEU I 32 -17.73 -26.14 11.56
CA LEU I 32 -18.87 -25.62 12.29
C LEU I 32 -19.59 -26.74 13.01
N THR I 33 -19.65 -27.91 12.37
CA THR I 33 -20.30 -29.07 12.97
C THR I 33 -19.50 -29.54 14.17
N SER I 34 -18.19 -29.63 13.99
CA SER I 34 -17.29 -30.05 15.06
C SER I 34 -17.32 -29.10 16.24
N ILE I 35 -17.40 -27.80 15.95
CA ILE I 35 -17.45 -26.78 16.99
C ILE I 35 -18.79 -26.79 17.72
N GLU I 36 -19.89 -26.95 16.97
CA GLU I 36 -21.20 -27.04 17.60
C GLU I 36 -21.22 -28.14 18.64
N ASP I 37 -20.58 -29.26 18.33
CA ASP I 37 -20.47 -30.36 19.29
C ASP I 37 -19.69 -29.95 20.51
N LYS I 38 -18.51 -29.39 20.31
CA LYS I 38 -17.65 -29.01 21.42
C LYS I 38 -18.24 -27.85 22.22
N ALA I 39 -19.05 -27.03 21.57
CA ALA I 39 -19.73 -25.94 22.27
C ALA I 39 -20.76 -26.50 23.25
N ASP I 40 -21.54 -27.48 22.78
CA ASP I 40 -22.51 -28.14 23.63
C ASP I 40 -21.80 -28.72 24.84
N ASN I 41 -20.76 -29.51 24.58
CA ASN I 41 -19.98 -30.13 25.65
C ASN I 41 -19.40 -29.10 26.62
N LEU I 42 -19.01 -27.94 26.07
CA LEU I 42 -18.46 -26.87 26.89
C LEU I 42 -19.52 -26.35 27.87
N ALA I 43 -20.74 -26.18 27.38
CA ALA I 43 -21.85 -25.71 28.20
C ALA I 43 -22.12 -26.68 29.34
N VAL I 44 -22.13 -27.97 29.03
CA VAL I 44 -22.29 -28.99 30.04
C VAL I 44 -21.18 -28.86 31.07
N SER I 45 -19.95 -28.90 30.60
CA SER I 45 -18.78 -28.81 31.48
C SER I 45 -18.84 -27.56 32.35
N ALA I 46 -19.27 -26.45 31.78
CA ALA I 46 -19.40 -25.21 32.54
C ALA I 46 -20.44 -25.34 33.64
N GLN I 47 -21.58 -25.92 33.29
CA GLN I 47 -22.64 -26.16 34.25
C GLN I 47 -22.10 -27.06 35.35
N GLY I 48 -21.35 -28.09 34.95
CA GLY I 48 -20.73 -29.01 35.89
C GLY I 48 -19.81 -28.26 36.85
N PHE I 49 -18.99 -27.36 36.31
CA PHE I 49 -18.13 -26.53 37.14
C PHE I 49 -18.97 -25.70 38.11
N LYS I 50 -20.04 -25.11 37.58
CA LYS I 50 -20.94 -24.28 38.36
C LYS I 50 -21.53 -25.05 39.54
N ARG I 51 -22.06 -26.24 39.25
CA ARG I 51 -22.69 -27.05 40.28
C ARG I 51 -21.67 -27.51 41.31
N GLY I 52 -20.53 -28.01 40.84
CA GLY I 52 -19.47 -28.45 41.74
C GLY I 52 -19.06 -27.35 42.69
N ALA I 53 -18.91 -26.15 42.15
CA ALA I 53 -18.58 -24.98 42.95
C ALA I 53 -19.72 -24.68 43.92
N ASN I 54 -20.95 -24.76 43.42
CA ASN I 54 -22.13 -24.51 44.25
C ASN I 54 -22.29 -25.51 45.38
N ARG I 55 -22.28 -26.79 45.03
CA ARG I 55 -22.46 -27.86 46.01
C ARG I 55 -21.28 -27.91 46.97
N VAL I 56 -20.11 -27.45 46.52
CA VAL I 56 -18.96 -27.34 47.41
C VAL I 56 -19.14 -26.16 48.34
N ARG I 57 -19.61 -25.03 47.81
CA ARG I 57 -19.83 -23.86 48.64
C ARG I 57 -20.88 -24.11 49.72
N LYS I 58 -21.90 -24.89 49.38
CA LYS I 58 -22.93 -25.28 50.36
C LYS I 58 -22.36 -26.26 51.38
N ALA I 59 -21.57 -27.20 50.90
CA ALA I 59 -20.92 -28.18 51.76
C ALA I 59 -19.96 -27.46 52.70
N MET I 60 -19.24 -26.48 52.14
CA MET I 60 -18.34 -25.66 52.94
C MET I 60 -19.13 -24.80 53.92
N TRP I 61 -20.40 -24.60 53.62
CA TRP I 61 -21.25 -23.77 54.47
C TRP I 61 -21.76 -24.53 55.71
N ALA J 3 -21.70 -19.96 -42.78
CA ALA J 3 -20.72 -20.87 -42.18
C ALA J 3 -19.97 -20.21 -41.03
N GLU J 4 -19.62 -18.94 -41.20
CA GLU J 4 -18.92 -18.20 -40.17
C GLU J 4 -19.85 -17.89 -38.99
N VAL J 5 -21.13 -17.71 -39.29
CA VAL J 5 -22.12 -17.45 -38.25
C VAL J 5 -22.33 -18.68 -37.37
N GLN J 6 -22.33 -19.86 -37.98
CA GLN J 6 -22.51 -21.10 -37.23
C GLN J 6 -21.37 -21.31 -36.23
N ALA J 7 -20.15 -20.99 -36.66
CA ALA J 7 -18.97 -21.14 -35.81
C ALA J 7 -19.01 -20.14 -34.67
N ARG J 8 -19.52 -18.95 -34.93
CA ARG J 8 -19.64 -17.94 -33.88
C ARG J 8 -20.71 -18.35 -32.89
N HIS J 9 -21.78 -18.97 -33.38
CA HIS J 9 -22.82 -19.50 -32.51
C HIS J 9 -22.25 -20.52 -31.52
N GLN J 10 -21.40 -21.42 -32.02
CA GLN J 10 -20.80 -22.44 -31.18
C GLN J 10 -20.01 -21.81 -30.03
N GLU J 11 -19.32 -20.72 -30.31
CA GLU J 11 -18.53 -20.04 -29.29
C GLU J 11 -19.40 -19.34 -28.26
N LEU J 12 -20.56 -18.85 -28.69
CA LEU J 12 -21.52 -18.23 -27.78
C LEU J 12 -22.17 -19.28 -26.89
N LEU J 13 -22.42 -20.46 -27.47
CA LEU J 13 -22.97 -21.59 -26.71
C LEU J 13 -22.02 -22.06 -25.62
N LYS J 14 -20.72 -22.04 -25.91
CA LYS J 14 -19.72 -22.42 -24.91
C LYS J 14 -19.70 -21.39 -23.79
N LEU J 15 -19.85 -20.13 -24.16
CA LEU J 15 -19.95 -19.04 -23.19
C LEU J 15 -21.15 -19.27 -22.28
N GLU J 16 -22.29 -19.58 -22.91
CA GLU J 16 -23.53 -19.85 -22.19
C GLU J 16 -23.38 -21.04 -21.24
N LYS J 17 -22.72 -22.09 -21.72
CA LYS J 17 -22.51 -23.30 -20.93
C LYS J 17 -21.66 -23.01 -19.71
N SER J 18 -20.59 -22.25 -19.89
CA SER J 18 -19.72 -21.90 -18.78
C SER J 18 -20.42 -21.00 -17.76
N MET J 19 -21.20 -20.05 -18.24
CA MET J 19 -21.93 -19.15 -17.35
C MET J 19 -23.00 -19.92 -16.57
N ALA J 20 -23.59 -20.92 -17.22
CA ALA J 20 -24.56 -21.80 -16.54
C ALA J 20 -23.91 -22.53 -15.36
N GLU J 21 -22.71 -23.05 -15.56
CA GLU J 21 -22.03 -23.74 -14.46
C GLU J 21 -21.66 -22.76 -13.35
N LEU J 22 -21.25 -21.56 -13.74
CA LEU J 22 -20.84 -20.55 -12.78
C LEU J 22 -22.03 -20.14 -11.93
N THR J 23 -23.17 -19.99 -12.57
CA THR J 23 -24.39 -19.59 -11.87
C THR J 23 -24.79 -20.66 -10.87
N GLN J 24 -24.68 -21.91 -11.29
CA GLN J 24 -25.03 -23.03 -10.42
C GLN J 24 -24.12 -23.06 -9.20
N LEU J 25 -22.85 -22.72 -9.40
CA LEU J 25 -21.89 -22.66 -8.30
C LEU J 25 -22.22 -21.54 -7.31
N PHE J 26 -22.60 -20.36 -7.83
CA PHE J 26 -23.03 -19.28 -6.95
C PHE J 26 -24.27 -19.71 -6.18
N ASN J 27 -25.21 -20.34 -6.87
CA ASN J 27 -26.41 -20.88 -6.23
C ASN J 27 -26.07 -21.87 -5.12
N ASP J 28 -25.17 -22.80 -5.41
CA ASP J 28 -24.79 -23.85 -4.46
C ASP J 28 -24.15 -23.25 -3.22
N MET J 29 -23.34 -22.22 -3.42
CA MET J 29 -22.64 -21.55 -2.34
C MET J 29 -23.64 -20.86 -1.40
N GLU J 30 -24.59 -20.13 -1.99
CA GLU J 30 -25.59 -19.43 -1.19
C GLU J 30 -26.33 -20.43 -0.32
N GLU J 31 -26.75 -21.53 -0.92
CA GLU J 31 -27.46 -22.58 -0.20
C GLU J 31 -26.66 -23.11 0.99
N LEU J 32 -25.41 -23.46 0.74
CA LEU J 32 -24.56 -24.02 1.80
C LEU J 32 -24.37 -23.05 2.96
N VAL J 33 -24.13 -21.79 2.64
CA VAL J 33 -23.92 -20.77 3.66
C VAL J 33 -25.19 -20.57 4.49
N ILE J 34 -26.34 -20.65 3.83
CA ILE J 34 -27.63 -20.61 4.53
C ILE J 34 -27.73 -21.80 5.48
N GLU J 35 -27.27 -22.96 5.03
CA GLU J 35 -27.36 -24.18 5.81
C GLU J 35 -26.47 -24.13 7.05
N GLN J 36 -25.42 -23.31 6.99
CA GLN J 36 -24.44 -23.24 8.07
C GLN J 36 -24.79 -22.16 9.09
N GLN J 37 -25.76 -21.32 8.77
CA GLN J 37 -26.23 -20.29 9.68
C GLN J 37 -26.75 -20.90 10.98
N GLU J 38 -27.39 -22.06 10.86
CA GLU J 38 -27.92 -22.76 12.03
C GLU J 38 -26.79 -23.19 12.97
N ASN J 39 -25.73 -23.75 12.40
CA ASN J 39 -24.55 -24.11 13.17
C ASN J 39 -24.04 -22.92 13.96
N VAL J 40 -23.92 -21.78 13.29
CA VAL J 40 -23.42 -20.56 13.91
C VAL J 40 -24.36 -20.10 15.03
N ASP J 41 -25.66 -20.19 14.78
CA ASP J 41 -26.66 -19.79 15.76
C ASP J 41 -26.46 -20.57 17.05
N VAL J 42 -26.26 -21.88 16.91
CA VAL J 42 -26.19 -22.78 18.06
C VAL J 42 -24.89 -22.59 18.85
N ILE J 43 -23.78 -22.48 18.13
CA ILE J 43 -22.48 -22.24 18.73
C ILE J 43 -22.52 -20.98 19.57
N ASP J 44 -23.11 -19.93 19.01
CA ASP J 44 -23.22 -18.65 19.68
C ASP J 44 -23.98 -18.79 21.01
N LYS J 45 -25.10 -19.49 20.96
CA LYS J 45 -25.93 -19.69 22.14
C LYS J 45 -25.20 -20.48 23.23
N ASN J 46 -24.67 -21.64 22.85
CA ASN J 46 -23.98 -22.52 23.78
C ASN J 46 -22.79 -21.87 24.47
N VAL J 47 -22.02 -21.10 23.71
CA VAL J 47 -20.85 -20.45 24.28
C VAL J 47 -21.28 -19.34 25.25
N GLU J 48 -22.32 -18.60 24.88
CA GLU J 48 -22.85 -17.56 25.75
C GLU J 48 -23.40 -18.17 27.04
N ASP J 49 -24.06 -19.32 26.92
CA ASP J 49 -24.60 -20.02 28.07
C ASP J 49 -23.44 -20.45 28.97
N ALA J 50 -22.43 -21.08 28.37
CA ALA J 50 -21.28 -21.57 29.11
C ALA J 50 -20.61 -20.44 29.88
N GLN J 51 -20.42 -19.31 29.21
CA GLN J 51 -19.76 -18.17 29.83
C GLN J 51 -20.48 -17.73 31.10
N LEU J 52 -21.81 -17.74 31.05
CA LEU J 52 -22.60 -17.30 32.20
C LEU J 52 -22.41 -18.25 33.37
N ASP J 53 -22.35 -19.54 33.10
CA ASP J 53 -22.15 -20.53 34.15
C ASP J 53 -20.78 -20.37 34.80
N VAL J 54 -19.75 -20.18 33.99
CA VAL J 54 -18.40 -20.08 34.52
C VAL J 54 -18.30 -18.87 35.46
N GLU J 55 -18.85 -17.75 35.00
CA GLU J 55 -18.82 -16.50 35.77
C GLU J 55 -19.37 -16.68 37.18
N GLN J 56 -20.51 -17.36 37.30
CA GLN J 56 -21.09 -17.59 38.62
C GLN J 56 -20.24 -18.58 39.39
N GLY J 57 -19.62 -19.51 38.68
CA GLY J 57 -18.70 -20.45 39.30
C GLY J 57 -17.64 -19.68 40.06
N VAL J 58 -16.90 -18.85 39.35
CA VAL J 58 -15.88 -18.01 39.98
C VAL J 58 -16.47 -17.29 41.20
N GLY J 59 -17.69 -16.78 41.04
CA GLY J 59 -18.38 -16.12 42.13
C GLY J 59 -18.53 -17.01 43.35
N HIS J 60 -19.03 -18.22 43.16
CA HIS J 60 -19.20 -19.16 44.26
C HIS J 60 -17.86 -19.46 44.91
N THR J 61 -16.90 -19.93 44.11
CA THR J 61 -15.58 -20.22 44.61
C THR J 61 -15.03 -19.03 45.40
N ASP J 62 -15.36 -17.82 44.97
CA ASP J 62 -14.96 -16.62 45.68
C ASP J 62 -15.58 -16.60 47.07
N LYS J 63 -16.89 -16.75 47.13
CA LYS J 63 -17.62 -16.81 48.40
C LYS J 63 -17.03 -17.87 49.32
N ALA J 64 -16.79 -19.06 48.78
CA ALA J 64 -16.22 -20.16 49.54
C ALA J 64 -14.93 -19.72 50.24
N VAL J 65 -14.21 -18.80 49.62
CA VAL J 65 -13.02 -18.22 50.22
C VAL J 65 -13.38 -16.93 50.95
N LYS J 66 -14.41 -17.00 51.78
CA LYS J 66 -14.85 -15.86 52.57
C LYS J 66 -15.06 -14.61 51.72
N LYS K 4 -30.08 -16.47 -40.82
CA LYS K 4 -30.92 -15.70 -39.91
C LYS K 4 -31.40 -16.55 -38.75
N PHE K 5 -31.69 -17.82 -39.01
CA PHE K 5 -32.04 -18.75 -37.95
C PHE K 5 -30.89 -18.92 -36.97
N THR K 6 -29.68 -18.97 -37.50
CA THR K 6 -28.48 -19.14 -36.67
C THR K 6 -28.18 -17.90 -35.85
N LYS K 7 -28.31 -16.72 -36.47
CA LYS K 7 -28.11 -15.48 -35.73
C LYS K 7 -29.16 -15.32 -34.64
N GLN K 8 -30.38 -15.74 -34.94
CA GLN K 8 -31.47 -15.74 -33.97
C GLN K 8 -31.09 -16.61 -32.78
N SER K 9 -30.53 -17.78 -33.06
CA SER K 9 -30.10 -18.70 -32.02
C SER K 9 -29.01 -18.08 -31.16
N SER K 10 -28.15 -17.30 -31.80
CA SER K 10 -27.05 -16.66 -31.09
C SER K 10 -27.55 -15.53 -30.18
N VAL K 11 -28.48 -14.73 -30.69
CA VAL K 11 -29.06 -13.66 -29.88
C VAL K 11 -29.72 -14.25 -28.65
N ALA K 12 -30.51 -15.29 -28.86
CA ALA K 12 -31.16 -15.99 -27.76
C ALA K 12 -30.15 -16.46 -26.72
N SER K 13 -28.99 -16.90 -27.20
CA SER K 13 -27.94 -17.42 -26.32
C SER K 13 -27.34 -16.34 -25.44
N THR K 14 -26.98 -15.21 -26.04
CA THR K 14 -26.40 -14.10 -25.27
C THR K 14 -27.39 -13.53 -24.27
N ARG K 15 -28.68 -13.55 -24.62
CA ARG K 15 -29.73 -13.10 -23.70
C ARG K 15 -29.75 -13.99 -22.46
N ASN K 16 -29.69 -15.30 -22.67
CA ASN K 16 -29.72 -16.23 -21.55
C ASN K 16 -28.47 -16.11 -20.69
N THR K 17 -27.31 -16.02 -21.34
CA THR K 17 -26.06 -15.86 -20.60
C THR K 17 -26.12 -14.66 -19.67
N LEU K 18 -26.62 -13.53 -20.19
CA LEU K 18 -26.76 -12.31 -19.41
C LEU K 18 -27.69 -12.52 -18.22
N LYS K 19 -28.83 -13.14 -18.49
CA LYS K 19 -29.82 -13.44 -17.47
C LYS K 19 -29.19 -14.23 -16.33
N MET K 20 -28.51 -15.32 -16.70
CA MET K 20 -27.87 -16.19 -15.73
C MET K 20 -26.81 -15.46 -14.92
N ALA K 21 -26.02 -14.62 -15.60
CA ALA K 21 -24.96 -13.87 -14.92
C ALA K 21 -25.57 -13.00 -13.83
N GLN K 22 -26.65 -12.32 -14.16
CA GLN K 22 -27.32 -11.44 -13.19
C GLN K 22 -27.85 -12.25 -12.01
N ASP K 23 -28.38 -13.44 -12.27
CA ASP K 23 -28.82 -14.32 -11.19
C ASP K 23 -27.64 -14.76 -10.32
N ALA K 24 -26.49 -15.01 -10.95
CA ALA K 24 -25.29 -15.37 -10.21
C ALA K 24 -24.86 -14.25 -9.28
N GLU K 25 -24.98 -13.00 -9.75
CA GLU K 25 -24.57 -11.86 -8.94
C GLU K 25 -25.46 -11.69 -7.72
N ARG K 26 -26.75 -11.92 -7.90
CA ARG K 26 -27.72 -11.88 -6.80
C ARG K 26 -27.29 -12.85 -5.70
N ALA K 27 -27.01 -14.09 -6.10
CA ALA K 27 -26.64 -15.14 -5.16
C ALA K 27 -25.35 -14.79 -4.43
N GLY K 28 -24.37 -14.30 -5.18
CA GLY K 28 -23.07 -13.99 -4.61
C GLY K 28 -23.12 -12.84 -3.62
N MET K 29 -23.97 -11.85 -3.90
CA MET K 29 -24.11 -10.74 -2.98
C MET K 29 -24.76 -11.21 -1.68
N ASN K 30 -25.79 -12.05 -1.80
CA ASN K 30 -26.43 -12.59 -0.61
CA ASN K 30 -26.44 -12.61 -0.62
C ASN K 30 -25.47 -13.42 0.22
N THR K 31 -24.64 -14.21 -0.46
CA THR K 31 -23.66 -15.05 0.22
C THR K 31 -22.69 -14.20 1.02
N LEU K 32 -22.20 -13.12 0.41
CA LEU K 32 -21.27 -12.23 1.09
C LEU K 32 -21.95 -11.57 2.28
N GLY K 33 -23.22 -11.19 2.13
CA GLY K 33 -23.96 -10.61 3.23
C GLY K 33 -24.09 -11.57 4.40
N MET K 34 -24.40 -12.82 4.09
CA MET K 34 -24.58 -13.84 5.12
C MET K 34 -23.26 -14.17 5.83
N LEU K 35 -22.17 -14.23 5.07
CA LEU K 35 -20.86 -14.50 5.63
C LEU K 35 -20.43 -13.36 6.55
N GLY K 36 -20.83 -12.14 6.22
CA GLY K 36 -20.58 -11.01 7.08
C GLY K 36 -21.38 -11.06 8.36
N HIS K 37 -22.65 -11.42 8.26
CA HIS K 37 -23.49 -11.58 9.44
C HIS K 37 -22.88 -12.64 10.35
N GLN K 38 -22.48 -13.75 9.75
CA GLN K 38 -21.92 -14.86 10.52
C GLN K 38 -20.57 -14.51 11.13
N SER K 39 -19.78 -13.72 10.42
CA SER K 39 -18.53 -13.20 10.96
C SER K 39 -18.78 -12.42 12.26
N GLU K 40 -19.84 -11.62 12.27
CA GLU K 40 -20.20 -10.84 13.43
C GLU K 40 -20.54 -11.75 14.61
N GLN K 41 -21.30 -12.81 14.34
CA GLN K 41 -21.63 -13.80 15.38
C GLN K 41 -20.38 -14.45 15.94
N LEU K 42 -19.46 -14.82 15.05
CA LEU K 42 -18.22 -15.49 15.44
C LEU K 42 -17.35 -14.58 16.31
N ASN K 43 -17.41 -13.27 16.06
CA ASN K 43 -16.72 -12.31 16.92
C ASN K 43 -17.27 -12.34 18.33
N ASN K 44 -18.58 -12.51 18.46
CA ASN K 44 -19.21 -12.59 19.76
C ASN K 44 -18.78 -13.87 20.48
N VAL K 45 -18.68 -14.96 19.71
CA VAL K 45 -18.19 -16.23 20.24
C VAL K 45 -16.75 -16.07 20.73
N GLU K 46 -15.91 -15.43 19.92
CA GLU K 46 -14.53 -15.20 20.29
C GLU K 46 -14.45 -14.37 21.57
N GLY K 47 -15.36 -13.41 21.71
CA GLY K 47 -15.41 -12.56 22.89
C GLY K 47 -15.76 -13.33 24.14
N ASN K 48 -16.74 -14.22 24.05
CA ASN K 48 -17.14 -15.04 25.18
C ASN K 48 -16.08 -16.07 25.56
N LEU K 49 -15.48 -16.72 24.57
CA LEU K 49 -14.40 -17.67 24.85
C LEU K 49 -13.26 -16.94 25.55
N ASP K 50 -12.93 -15.75 25.05
CA ASP K 50 -11.93 -14.88 25.64
C ASP K 50 -12.21 -14.64 27.13
N LEU K 51 -13.43 -14.19 27.44
CA LEU K 51 -13.84 -13.89 28.80
C LEU K 51 -13.73 -15.12 29.70
N MET K 52 -14.08 -16.28 29.17
CA MET K 52 -14.01 -17.52 29.93
C MET K 52 -12.58 -17.89 30.31
N LYS K 53 -11.62 -17.62 29.43
CA LYS K 53 -10.22 -17.85 29.73
C LYS K 53 -9.80 -17.05 30.96
N VAL K 54 -10.11 -15.77 30.95
CA VAL K 54 -9.83 -14.89 32.09
C VAL K 54 -10.46 -15.42 33.37
N GLN K 55 -11.72 -15.81 33.28
CA GLN K 55 -12.45 -16.29 34.45
C GLN K 55 -11.95 -17.65 34.92
N ASN K 56 -11.46 -18.46 33.99
CA ASN K 56 -10.84 -19.73 34.34
C ASN K 56 -9.54 -19.54 35.11
N LYS K 57 -8.80 -18.50 34.78
CA LYS K 57 -7.55 -18.21 35.50
C LYS K 57 -7.88 -17.84 36.95
N VAL K 58 -8.85 -16.95 37.14
CA VAL K 58 -9.28 -16.59 38.47
C VAL K 58 -9.80 -17.83 39.20
N ALA K 59 -10.58 -18.65 38.50
CA ALA K 59 -11.09 -19.90 39.05
C ALA K 59 -9.96 -20.79 39.56
N ASP K 60 -8.91 -20.94 38.75
CA ASP K 60 -7.74 -21.72 39.14
C ASP K 60 -7.21 -21.28 40.49
N GLU K 61 -7.09 -19.96 40.67
CA GLU K 61 -6.57 -19.40 41.90
C GLU K 61 -7.48 -19.69 43.09
N LYS K 62 -8.76 -19.40 42.92
CA LYS K 62 -9.75 -19.61 43.98
C LYS K 62 -9.80 -21.07 44.42
N VAL K 63 -9.79 -21.98 43.46
CA VAL K 63 -9.86 -23.41 43.76
C VAL K 63 -8.57 -23.86 44.44
N ALA K 64 -7.44 -23.33 43.98
CA ALA K 64 -6.15 -23.64 44.60
C ALA K 64 -6.18 -23.27 46.08
N GLU K 65 -7.00 -22.29 46.43
CA GLU K 65 -7.16 -21.92 47.83
C GLU K 65 -8.04 -22.93 48.58
N LEU K 66 -9.14 -23.34 47.97
CA LEU K 66 -10.04 -24.30 48.59
C LEU K 66 -9.34 -25.61 48.93
N LYS K 67 -8.28 -25.92 48.20
CA LYS K 67 -7.46 -27.10 48.48
C LYS K 67 -7.10 -27.14 49.97
N LYS K 68 -7.03 -25.96 50.58
CA LYS K 68 -6.69 -25.83 51.98
C LYS K 68 -7.89 -25.37 52.82
N SER L 2 -26.53 -6.86 -39.34
CA SER L 2 -27.89 -6.92 -38.80
C SER L 2 -28.00 -6.22 -37.46
N GLU L 3 -29.22 -5.83 -37.11
CA GLU L 3 -29.48 -5.32 -35.77
C GLU L 3 -29.25 -6.44 -34.76
N MET L 4 -29.30 -7.68 -35.22
CA MET L 4 -29.01 -8.82 -34.36
C MET L 4 -27.57 -8.81 -33.93
N GLU L 5 -26.66 -8.68 -34.89
CA GLU L 5 -25.24 -8.56 -34.62
C GLU L 5 -25.03 -7.44 -33.59
N LEU L 6 -25.79 -6.36 -33.75
CA LEU L 6 -25.72 -5.22 -32.84
C LEU L 6 -26.14 -5.59 -31.43
N GLU L 7 -27.25 -6.30 -31.29
CA GLU L 7 -27.69 -6.71 -29.96
C GLU L 7 -26.73 -7.71 -29.31
N ILE L 8 -26.20 -8.64 -30.09
CA ILE L 8 -25.23 -9.60 -29.58
C ILE L 8 -24.06 -8.88 -28.93
N ASP L 9 -23.57 -7.84 -29.60
CA ASP L 9 -22.46 -7.06 -29.07
C ASP L 9 -22.83 -6.33 -27.77
N ARG L 10 -23.97 -5.66 -27.77
CA ARG L 10 -24.45 -4.98 -26.56
C ARG L 10 -24.57 -5.98 -25.41
N ASN L 11 -25.11 -7.16 -25.70
CA ASN L 11 -25.27 -8.21 -24.70
C ASN L 11 -23.92 -8.69 -24.15
N LEU L 12 -22.99 -8.94 -25.06
CA LEU L 12 -21.64 -9.34 -24.68
C LEU L 12 -20.99 -8.27 -23.81
N ASP L 13 -21.24 -7.00 -24.13
CA ASP L 13 -20.72 -5.89 -23.34
C ASP L 13 -21.28 -5.94 -21.92
N GLN L 14 -22.58 -6.22 -21.82
CA GLN L 14 -23.21 -6.31 -20.51
C GLN L 14 -22.69 -7.52 -19.73
N ILE L 15 -22.59 -8.67 -20.41
CA ILE L 15 -22.08 -9.88 -19.77
C ILE L 15 -20.68 -9.66 -19.20
N GLN L 16 -19.85 -8.93 -19.95
CA GLN L 16 -18.50 -8.62 -19.51
C GLN L 16 -18.51 -7.81 -18.22
N GLN L 17 -19.38 -6.80 -18.16
CA GLN L 17 -19.52 -5.98 -16.96
C GLN L 17 -19.84 -6.83 -15.75
N VAL L 18 -20.84 -7.70 -15.88
CA VAL L 18 -21.24 -8.55 -14.75
C VAL L 18 -20.16 -9.56 -14.41
N SER L 19 -19.60 -10.18 -15.44
CA SER L 19 -18.52 -11.16 -15.29
C SER L 19 -17.39 -10.61 -14.42
N ASN L 20 -16.98 -9.36 -14.71
CA ASN L 20 -15.94 -8.71 -13.94
C ASN L 20 -16.28 -8.64 -12.47
N ARG L 21 -17.53 -8.32 -12.17
CA ARG L 21 -17.96 -8.24 -10.77
C ARG L 21 -18.03 -9.63 -10.13
N LEU L 22 -18.43 -10.62 -10.91
CA LEU L 22 -18.49 -12.00 -10.41
C LEU L 22 -17.12 -12.52 -10.01
N LYS L 23 -16.10 -12.17 -10.78
CA LYS L 23 -14.73 -12.59 -10.48
C LYS L 23 -14.29 -12.00 -9.14
N LYS L 24 -14.53 -10.70 -8.98
CA LYS L 24 -14.15 -10.01 -7.77
C LYS L 24 -14.90 -10.58 -6.57
N MET L 25 -16.19 -10.85 -6.75
CA MET L 25 -16.99 -11.47 -5.70
C MET L 25 -16.47 -12.85 -5.33
N ALA L 26 -16.12 -13.66 -6.33
CA ALA L 26 -15.58 -14.99 -6.10
C ALA L 26 -14.30 -14.91 -5.28
N LEU L 27 -13.44 -13.96 -5.63
CA LEU L 27 -12.16 -13.79 -4.94
C LEU L 27 -12.36 -13.32 -3.51
N THR L 28 -13.27 -12.38 -3.32
CA THR L 28 -13.56 -11.84 -1.99
C THR L 28 -14.14 -12.93 -1.11
N THR L 29 -15.03 -13.72 -1.70
CA THR L 29 -15.64 -14.85 -1.01
C THR L 29 -14.58 -15.85 -0.55
N GLY L 30 -13.66 -16.20 -1.44
CA GLY L 30 -12.55 -17.08 -1.13
C GLY L 30 -11.68 -16.59 0.02
N LYS L 31 -11.35 -15.31 0.00
CA LYS L 31 -10.53 -14.71 1.05
C LYS L 31 -11.26 -14.71 2.38
N GLU L 32 -12.56 -14.41 2.36
CA GLU L 32 -13.33 -14.43 3.61
C GLU L 32 -13.41 -15.85 4.17
N LEU L 33 -13.60 -16.85 3.31
CA LEU L 33 -13.64 -18.23 3.77
C LEU L 33 -12.30 -18.64 4.38
N ASP L 34 -11.20 -18.24 3.75
CA ASP L 34 -9.87 -18.50 4.29
C ASP L 34 -9.73 -17.89 5.69
N SER L 35 -10.13 -16.62 5.82
CA SER L 35 -9.97 -15.91 7.09
C SER L 35 -10.84 -16.54 8.17
N GLN L 36 -12.09 -16.86 7.84
CA GLN L 36 -12.96 -17.52 8.82
C GLN L 36 -12.48 -18.92 9.20
N GLN L 37 -11.89 -19.64 8.24
CA GLN L 37 -11.36 -20.97 8.54
C GLN L 37 -10.30 -20.88 9.64
N LYS L 38 -9.42 -19.90 9.53
CA LYS L 38 -8.40 -19.71 10.55
C LYS L 38 -9.06 -19.35 11.88
N ARG L 39 -10.05 -18.48 11.82
CA ARG L 39 -10.77 -18.08 13.03
C ARG L 39 -11.46 -19.26 13.68
N LEU L 40 -12.08 -20.12 12.88
CA LEU L 40 -12.78 -21.29 13.40
C LEU L 40 -11.82 -22.30 14.00
N ASN L 41 -10.65 -22.42 13.37
CA ASN L 41 -9.59 -23.28 13.88
C ASN L 41 -9.23 -22.85 15.30
N ASN L 42 -9.00 -21.55 15.47
CA ASN L 42 -8.65 -20.99 16.76
C ASN L 42 -9.78 -21.10 17.80
N ILE L 43 -11.01 -20.88 17.34
CA ILE L 43 -12.17 -21.00 18.21
C ILE L 43 -12.26 -22.42 18.78
N GLU L 44 -12.10 -23.41 17.91
CA GLU L 44 -12.17 -24.81 18.32
C GLU L 44 -11.04 -25.14 19.30
N GLU L 45 -9.84 -24.65 19.02
CA GLU L 45 -8.72 -24.87 19.92
C GLU L 45 -9.00 -24.29 21.31
N SER L 46 -9.52 -23.07 21.32
CA SER L 46 -9.83 -22.38 22.57
C SER L 46 -10.90 -23.14 23.36
N THR L 47 -11.90 -23.63 22.65
CA THR L 47 -12.97 -24.40 23.26
C THR L 47 -12.43 -25.64 23.94
N ASP L 48 -11.49 -26.31 23.28
CA ASP L 48 -10.84 -27.49 23.86
C ASP L 48 -10.06 -27.14 25.12
N ASP L 49 -9.32 -26.04 25.09
CA ASP L 49 -8.56 -25.60 26.25
C ASP L 49 -9.48 -25.24 27.42
N LEU L 50 -10.57 -24.55 27.13
CA LEU L 50 -11.53 -24.16 28.17
C LEU L 50 -12.19 -25.38 28.82
N ASP L 51 -12.56 -26.35 28.00
CA ASP L 51 -13.25 -27.54 28.47
C ASP L 51 -12.34 -28.37 29.38
N ILE L 52 -11.06 -28.43 29.03
CA ILE L 52 -10.07 -29.15 29.83
C ILE L 52 -9.86 -28.47 31.17
N ASN L 53 -9.74 -27.14 31.14
CA ASN L 53 -9.55 -26.36 32.36
C ASN L 53 -10.74 -26.53 33.32
N LEU L 54 -11.94 -26.45 32.78
CA LEU L 54 -13.16 -26.58 33.58
C LEU L 54 -13.26 -27.94 34.24
N HIS L 55 -12.99 -28.99 33.48
CA HIS L 55 -13.03 -30.35 34.01
C HIS L 55 -11.98 -30.56 35.10
N MET L 56 -10.79 -30.00 34.89
CA MET L 56 -9.73 -30.05 35.88
C MET L 56 -10.20 -29.42 37.19
N ASN L 57 -10.70 -28.20 37.10
CA ASN L 57 -11.23 -27.50 38.28
C ASN L 57 -12.42 -28.22 38.89
N THR L 58 -13.18 -28.93 38.07
CA THR L 58 -14.30 -29.72 38.58
C THR L 58 -13.78 -30.91 39.37
N ASN L 59 -12.73 -31.56 38.86
CA ASN L 59 -12.09 -32.66 39.57
C ASN L 59 -11.52 -32.23 40.92
N ARG L 60 -10.85 -31.08 40.93
CA ARG L 60 -10.26 -30.56 42.16
C ARG L 60 -11.33 -30.29 43.22
N LEU L 61 -12.51 -29.88 42.76
CA LEU L 61 -13.64 -29.60 43.66
C LEU L 61 -14.19 -30.90 44.25
N ALA L 62 -13.44 -31.98 44.09
CA ALA L 62 -13.80 -33.27 44.67
C ALA L 62 -14.22 -33.14 46.13
N GLY L 63 -13.25 -32.95 47.00
CA GLY L 63 -13.51 -32.76 48.41
C GLY L 63 -14.01 -31.36 48.71
#